data_7DTA
#
_entry.id   7DTA
#
loop_
_entity.id
_entity.type
_entity.pdbx_description
1 polymer 'SLC2A4 regulator'
2 polymer "DNA (5'-D(*TP*AP*TP*GP*CP*CP*GP*GP*GP*AP*C)-3')"
3 polymer "DNA (5'-D(*GP*TP*CP*CP*CP*GP*GP*CP*AP*TP*A)-3')"
4 non-polymer 'ZINC ION'
#
loop_
_entity_poly.entity_id
_entity_poly.type
_entity_poly.pdbx_seq_one_letter_code
_entity_poly.pdbx_strand_id
1 'polypeptide(L)' GDAKKCRKVYGMERRDLWCTACRWKKACQRFLD A
2 'polydeoxyribonucleotide' (DT)(DA)(DT)(DG)(DC)(DC)(DG)(DG)(DG)(DA)(DC) B
3 'polydeoxyribonucleotide' (DG)(DT)(DC)(DC)(DC)(DG)(DG)(DC)(DA)(DT)(DA) C
#
# COMPACT_ATOMS: atom_id res chain seq x y z
N GLY A 1 -5.40 -7.27 9.58
CA GLY A 1 -4.74 -7.86 10.75
C GLY A 1 -3.24 -7.58 10.81
N ASP A 2 -2.44 -8.60 11.13
CA ASP A 2 -0.97 -8.54 11.25
C ASP A 2 -0.22 -8.37 9.90
N ALA A 3 -0.93 -8.30 8.77
CA ALA A 3 -0.40 -7.97 7.45
C ALA A 3 0.29 -6.59 7.39
N LYS A 4 1.18 -6.41 6.42
CA LYS A 4 1.96 -5.17 6.17
C LYS A 4 1.96 -4.88 4.66
N LYS A 5 0.86 -4.27 4.16
CA LYS A 5 0.78 -3.74 2.79
C LYS A 5 1.48 -2.37 2.68
N CYS A 6 1.66 -1.86 1.46
CA CYS A 6 2.41 -0.65 1.13
C CYS A 6 2.32 0.47 2.19
N ARG A 7 1.10 0.91 2.48
CA ARG A 7 0.78 2.03 3.36
C ARG A 7 1.23 1.80 4.81
N LYS A 8 0.96 0.63 5.43
CA LYS A 8 1.50 0.30 6.77
C LYS A 8 3.01 0.05 6.78
N VAL A 9 3.65 -0.22 5.64
CA VAL A 9 5.12 -0.31 5.49
C VAL A 9 5.79 1.07 5.42
N TYR A 10 5.46 1.89 4.41
CA TYR A 10 6.18 3.14 4.12
C TYR A 10 5.58 4.39 4.78
N GLY A 11 4.25 4.45 4.92
CA GLY A 11 3.51 5.59 5.48
C GLY A 11 3.28 6.76 4.50
N MET A 12 2.43 7.69 4.92
CA MET A 12 1.99 8.83 4.11
C MET A 12 3.12 9.83 3.82
N GLU A 13 4.18 9.86 4.65
CA GLU A 13 5.43 10.60 4.40
C GLU A 13 6.29 9.98 3.27
N ARG A 14 6.02 8.72 2.88
CA ARG A 14 6.68 7.99 1.78
C ARG A 14 5.69 7.31 0.81
N ARG A 15 4.44 7.80 0.75
CA ARG A 15 3.38 7.50 -0.24
C ARG A 15 3.83 7.23 -1.69
N ASP A 16 4.90 7.88 -2.15
CA ASP A 16 5.47 7.65 -3.49
C ASP A 16 6.07 6.24 -3.69
N LEU A 17 6.37 5.49 -2.60
CA LEU A 17 6.86 4.11 -2.61
C LEU A 17 5.75 3.04 -2.65
N TRP A 18 4.48 3.44 -2.49
CA TRP A 18 3.33 2.52 -2.52
C TRP A 18 2.98 2.05 -3.94
N CYS A 19 2.22 0.95 -4.07
CA CYS A 19 1.65 0.55 -5.34
C CYS A 19 0.51 1.53 -5.76
N THR A 20 0.11 1.50 -7.03
CA THR A 20 -0.88 2.46 -7.57
C THR A 20 -2.30 2.20 -7.05
N ALA A 21 -2.65 0.95 -6.75
CA ALA A 21 -3.90 0.64 -6.04
C ALA A 21 -3.92 1.28 -4.63
N CYS A 22 -2.85 1.12 -3.84
CA CYS A 22 -2.69 1.78 -2.55
C CYS A 22 -2.74 3.33 -2.67
N ARG A 23 -2.01 3.93 -3.63
CA ARG A 23 -2.07 5.38 -3.92
C ARG A 23 -3.50 5.89 -4.02
N TRP A 24 -4.41 5.10 -4.61
CA TRP A 24 -5.79 5.46 -4.88
C TRP A 24 -6.81 4.81 -3.91
N LYS A 25 -6.35 4.21 -2.79
CA LYS A 25 -7.17 3.52 -1.77
C LYS A 25 -8.02 2.36 -2.31
N LYS A 26 -7.50 1.59 -3.27
CA LYS A 26 -8.12 0.39 -3.86
C LYS A 26 -7.27 -0.86 -3.54
N ALA A 27 -7.82 -2.07 -3.73
CA ALA A 27 -7.18 -3.32 -3.29
C ALA A 27 -5.75 -3.51 -3.84
N CYS A 28 -4.78 -3.66 -2.93
CA CYS A 28 -3.36 -3.80 -3.21
C CYS A 28 -3.04 -4.83 -4.32
N GLN A 29 -2.36 -4.37 -5.38
CA GLN A 29 -1.93 -5.19 -6.52
C GLN A 29 -0.53 -5.83 -6.33
N ARG A 30 0.08 -5.65 -5.15
CA ARG A 30 1.48 -6.00 -4.84
C ARG A 30 1.62 -6.99 -3.68
N PHE A 31 1.12 -6.62 -2.50
CA PHE A 31 1.02 -7.47 -1.31
C PHE A 31 -0.37 -8.13 -1.28
N LEU A 32 -0.55 -9.16 -2.12
CA LEU A 32 -1.83 -9.83 -2.37
C LEU A 32 -2.42 -10.49 -1.11
N ASP A 33 -3.76 -10.48 -1.00
CA ASP A 33 -4.53 -10.89 0.19
C ASP A 33 -5.87 -11.58 -0.18
N GLY A 1 -5.42 -3.58 8.79
CA GLY A 1 -3.99 -3.20 8.79
C GLY A 1 -3.05 -4.19 9.51
N ASP A 2 -3.57 -5.24 10.14
CA ASP A 2 -2.75 -6.33 10.72
C ASP A 2 -2.03 -7.14 9.61
N ALA A 3 -2.71 -7.33 8.48
CA ALA A 3 -2.15 -7.87 7.25
C ALA A 3 -1.47 -6.77 6.42
N LYS A 4 -0.28 -6.31 6.85
CA LYS A 4 0.41 -5.13 6.30
C LYS A 4 0.55 -5.12 4.77
N LYS A 5 0.23 -3.97 4.17
CA LYS A 5 0.37 -3.59 2.76
C LYS A 5 1.12 -2.24 2.67
N CYS A 6 1.44 -1.78 1.45
CA CYS A 6 2.32 -0.65 1.16
C CYS A 6 2.20 0.54 2.16
N ARG A 7 1.00 1.07 2.36
CA ARG A 7 0.72 2.24 3.20
C ARG A 7 1.20 2.10 4.64
N LYS A 8 0.89 0.99 5.34
CA LYS A 8 1.42 0.72 6.68
C LYS A 8 2.87 0.19 6.70
N VAL A 9 3.45 -0.15 5.55
CA VAL A 9 4.89 -0.46 5.40
C VAL A 9 5.74 0.81 5.28
N TYR A 10 5.49 1.66 4.28
CA TYR A 10 6.31 2.82 3.91
C TYR A 10 5.90 4.14 4.61
N GLY A 11 4.59 4.41 4.75
CA GLY A 11 4.04 5.65 5.35
C GLY A 11 3.71 6.78 4.35
N MET A 12 2.87 7.72 4.80
CA MET A 12 2.34 8.79 3.92
C MET A 12 3.43 9.82 3.51
N GLU A 13 4.48 9.97 4.31
CA GLU A 13 5.69 10.74 3.93
C GLU A 13 6.50 10.04 2.82
N ARG A 14 6.26 8.74 2.61
CA ARG A 14 6.88 7.85 1.61
C ARG A 14 5.87 7.25 0.61
N ARG A 15 4.65 7.80 0.55
CA ARG A 15 3.56 7.55 -0.43
C ARG A 15 4.00 7.40 -1.88
N ASP A 16 5.08 8.04 -2.31
CA ASP A 16 5.65 7.89 -3.64
C ASP A 16 6.22 6.47 -3.94
N LEU A 17 6.52 5.65 -2.92
CA LEU A 17 6.91 4.23 -3.06
C LEU A 17 5.73 3.24 -3.12
N TRP A 18 4.52 3.63 -2.69
CA TRP A 18 3.37 2.73 -2.63
C TRP A 18 2.98 2.22 -4.03
N CYS A 19 2.33 1.06 -4.12
CA CYS A 19 1.76 0.58 -5.37
C CYS A 19 0.58 1.48 -5.84
N THR A 20 0.25 1.42 -7.14
CA THR A 20 -0.77 2.30 -7.74
C THR A 20 -2.16 2.11 -7.11
N ALA A 21 -2.51 0.88 -6.76
CA ALA A 21 -3.75 0.62 -6.03
C ALA A 21 -3.77 1.28 -4.64
N CYS A 22 -2.74 1.08 -3.81
CA CYS A 22 -2.60 1.73 -2.50
C CYS A 22 -2.65 3.28 -2.60
N ARG A 23 -1.91 3.88 -3.56
CA ARG A 23 -1.98 5.32 -3.87
C ARG A 23 -3.43 5.80 -4.04
N TRP A 24 -4.27 5.02 -4.70
CA TRP A 24 -5.64 5.34 -5.08
C TRP A 24 -6.71 4.75 -4.15
N LYS A 25 -6.32 4.16 -3.00
CA LYS A 25 -7.17 3.43 -2.04
C LYS A 25 -7.97 2.25 -2.65
N LYS A 26 -7.45 1.61 -3.69
CA LYS A 26 -7.95 0.34 -4.29
C LYS A 26 -7.19 -0.86 -3.71
N ALA A 27 -7.66 -2.10 -3.94
CA ALA A 27 -7.02 -3.31 -3.45
C ALA A 27 -5.57 -3.49 -3.96
N CYS A 28 -4.62 -3.61 -3.04
CA CYS A 28 -3.18 -3.73 -3.27
C CYS A 28 -2.76 -4.68 -4.42
N GLN A 29 -1.82 -4.21 -5.25
CA GLN A 29 -1.19 -4.99 -6.32
C GLN A 29 0.10 -5.72 -5.88
N ARG A 30 0.91 -5.11 -5.00
CA ARG A 30 2.27 -5.58 -4.64
C ARG A 30 2.28 -6.82 -3.75
N PHE A 31 1.41 -6.86 -2.74
CA PHE A 31 1.38 -7.90 -1.70
C PHE A 31 0.38 -9.05 -2.00
N LEU A 32 -0.02 -9.24 -3.26
CA LEU A 32 -0.79 -10.41 -3.73
C LEU A 32 0.05 -11.71 -3.66
N ASP A 33 -0.63 -12.85 -3.46
CA ASP A 33 -0.05 -14.20 -3.42
C ASP A 33 0.43 -14.70 -4.80
N GLY A 1 -7.00 -7.75 10.16
CA GLY A 1 -5.96 -7.24 11.08
C GLY A 1 -4.53 -7.74 10.87
N ASP A 2 -4.34 -8.89 10.21
CA ASP A 2 -3.01 -9.44 9.87
C ASP A 2 -2.30 -8.71 8.70
N ALA A 3 -3.03 -7.85 7.97
CA ALA A 3 -2.47 -7.05 6.86
C ALA A 3 -1.39 -6.06 7.33
N LYS A 4 -0.34 -5.90 6.50
CA LYS A 4 0.83 -5.03 6.72
C LYS A 4 1.39 -4.54 5.36
N LYS A 5 0.49 -4.02 4.53
CA LYS A 5 0.73 -3.60 3.14
C LYS A 5 1.45 -2.25 3.06
N CYS A 6 1.71 -1.80 1.83
CA CYS A 6 2.31 -0.52 1.43
C CYS A 6 2.14 0.62 2.47
N ARG A 7 0.89 0.99 2.77
CA ARG A 7 0.55 2.14 3.60
C ARG A 7 0.92 1.95 5.07
N LYS A 8 0.63 0.80 5.70
CA LYS A 8 1.11 0.48 7.07
C LYS A 8 2.63 0.21 7.14
N VAL A 9 3.34 0.13 6.01
CA VAL A 9 4.82 0.06 5.94
C VAL A 9 5.45 1.46 5.83
N TYR A 10 5.12 2.22 4.78
CA TYR A 10 5.81 3.48 4.45
C TYR A 10 5.09 4.77 4.91
N GLY A 11 3.75 4.77 4.94
CA GLY A 11 2.95 5.92 5.39
C GLY A 11 2.74 7.07 4.39
N MET A 12 1.87 8.01 4.78
CA MET A 12 1.36 9.10 3.92
C MET A 12 2.46 10.00 3.35
N GLU A 13 3.53 10.25 4.12
CA GLU A 13 4.70 11.04 3.69
C GLU A 13 5.56 10.32 2.64
N ARG A 14 5.42 8.98 2.53
CA ARG A 14 6.13 8.10 1.58
C ARG A 14 5.20 7.25 0.71
N ARG A 15 3.96 7.72 0.51
CA ARG A 15 2.98 7.17 -0.46
C ARG A 15 3.49 6.94 -1.90
N ASP A 16 4.58 7.59 -2.29
CA ASP A 16 5.27 7.30 -3.56
C ASP A 16 5.95 5.91 -3.61
N LEU A 17 6.22 5.29 -2.46
CA LEU A 17 6.72 3.91 -2.33
C LEU A 17 5.61 2.84 -2.34
N TRP A 18 4.35 3.25 -2.23
CA TRP A 18 3.20 2.36 -2.35
C TRP A 18 2.96 1.95 -3.81
N CYS A 19 2.22 0.86 -4.01
CA CYS A 19 1.73 0.50 -5.34
C CYS A 19 0.63 1.50 -5.80
N THR A 20 0.34 1.54 -7.09
CA THR A 20 -0.61 2.52 -7.65
C THR A 20 -2.06 2.27 -7.21
N ALA A 21 -2.44 1.01 -6.98
CA ALA A 21 -3.71 0.71 -6.35
C ALA A 21 -3.84 1.35 -4.94
N CYS A 22 -2.85 1.18 -4.07
CA CYS A 22 -2.78 1.83 -2.77
C CYS A 22 -2.80 3.38 -2.87
N ARG A 23 -1.97 3.97 -3.75
CA ARG A 23 -2.00 5.43 -4.06
C ARG A 23 -3.44 5.94 -4.22
N TRP A 24 -4.31 5.13 -4.82
CA TRP A 24 -5.69 5.46 -5.17
C TRP A 24 -6.76 4.76 -4.32
N LYS A 25 -6.41 4.17 -3.16
CA LYS A 25 -7.30 3.37 -2.28
C LYS A 25 -8.01 2.18 -2.97
N LYS A 26 -7.48 1.66 -4.07
CA LYS A 26 -7.93 0.41 -4.72
C LYS A 26 -7.12 -0.79 -4.16
N ALA A 27 -7.58 -2.02 -4.40
CA ALA A 27 -6.97 -3.25 -3.85
C ALA A 27 -5.51 -3.44 -4.27
N CYS A 28 -4.62 -3.58 -3.29
CA CYS A 28 -3.17 -3.66 -3.44
C CYS A 28 -2.66 -4.62 -4.57
N GLN A 29 -1.72 -4.13 -5.38
CA GLN A 29 -0.97 -4.93 -6.36
C GLN A 29 0.21 -5.70 -5.74
N ARG A 30 0.86 -5.09 -4.73
CA ARG A 30 2.14 -5.55 -4.14
C ARG A 30 1.98 -6.66 -3.11
N PHE A 31 0.84 -6.72 -2.40
CA PHE A 31 0.56 -7.66 -1.30
C PHE A 31 -0.84 -8.29 -1.45
N LEU A 32 -0.87 -9.58 -1.82
CA LEU A 32 -2.07 -10.42 -2.01
C LEU A 32 -1.81 -11.87 -1.52
N ASP A 33 -2.89 -12.60 -1.20
CA ASP A 33 -2.93 -13.98 -0.66
C ASP A 33 -2.00 -14.20 0.56
N GLY A 1 -7.24 -7.20 6.26
CA GLY A 1 -6.03 -7.26 7.09
C GLY A 1 -5.14 -8.48 6.81
N ASP A 2 -5.21 -9.04 5.59
CA ASP A 2 -4.49 -10.25 5.17
C ASP A 2 -2.96 -10.09 5.04
N ALA A 3 -2.44 -8.85 5.10
CA ALA A 3 -1.02 -8.50 5.01
C ALA A 3 -0.74 -7.10 5.60
N LYS A 4 0.53 -6.78 5.86
CA LYS A 4 0.99 -5.41 6.22
C LYS A 4 1.41 -4.72 4.92
N LYS A 5 0.47 -4.07 4.26
CA LYS A 5 0.57 -3.53 2.89
C LYS A 5 1.27 -2.17 2.83
N CYS A 6 1.54 -1.69 1.62
CA CYS A 6 2.32 -0.49 1.28
C CYS A 6 2.08 0.70 2.25
N ARG A 7 0.83 1.09 2.45
CA ARG A 7 0.43 2.24 3.28
C ARG A 7 0.84 2.11 4.75
N LYS A 8 0.66 0.94 5.39
CA LYS A 8 1.19 0.65 6.75
C LYS A 8 2.71 0.37 6.77
N VAL A 9 3.37 0.18 5.62
CA VAL A 9 4.84 0.10 5.51
C VAL A 9 5.51 1.48 5.48
N TYR A 10 5.16 2.34 4.51
CA TYR A 10 5.87 3.60 4.24
C TYR A 10 5.19 4.88 4.79
N GLY A 11 3.86 4.89 4.91
CA GLY A 11 3.09 6.04 5.39
C GLY A 11 2.81 7.14 4.35
N MET A 12 1.85 8.02 4.68
CA MET A 12 1.33 9.03 3.74
C MET A 12 2.39 10.09 3.36
N GLU A 13 3.37 10.31 4.24
CA GLU A 13 4.56 11.14 3.96
C GLU A 13 5.51 10.52 2.91
N ARG A 14 5.37 9.22 2.60
CA ARG A 14 6.16 8.47 1.60
C ARG A 14 5.31 7.66 0.61
N ARG A 15 4.02 7.98 0.48
CA ARG A 15 3.06 7.40 -0.49
C ARG A 15 3.53 7.22 -1.94
N ASP A 16 4.54 7.97 -2.39
CA ASP A 16 5.17 7.77 -3.71
C ASP A 16 5.88 6.39 -3.83
N LEU A 17 6.20 5.73 -2.72
CA LEU A 17 6.74 4.35 -2.66
C LEU A 17 5.66 3.26 -2.72
N TRP A 18 4.39 3.60 -2.45
CA TRP A 18 3.29 2.64 -2.51
C TRP A 18 3.01 2.18 -3.95
N CYS A 19 2.37 1.02 -4.09
CA CYS A 19 1.84 0.58 -5.38
C CYS A 19 0.70 1.50 -5.87
N THR A 20 0.39 1.48 -7.17
CA THR A 20 -0.60 2.38 -7.78
C THR A 20 -2.01 2.19 -7.21
N ALA A 21 -2.41 0.95 -6.91
CA ALA A 21 -3.67 0.68 -6.21
C ALA A 21 -3.71 1.32 -4.80
N CYS A 22 -2.69 1.11 -3.96
CA CYS A 22 -2.58 1.75 -2.64
C CYS A 22 -2.63 3.30 -2.73
N ARG A 23 -1.85 3.91 -3.65
CA ARG A 23 -1.89 5.36 -3.96
C ARG A 23 -3.32 5.87 -4.11
N TRP A 24 -4.19 5.06 -4.74
CA TRP A 24 -5.58 5.40 -5.09
C TRP A 24 -6.65 4.77 -4.19
N LYS A 25 -6.29 4.17 -3.04
CA LYS A 25 -7.18 3.39 -2.15
C LYS A 25 -7.91 2.20 -2.82
N LYS A 26 -7.39 1.65 -3.93
CA LYS A 26 -7.88 0.41 -4.56
C LYS A 26 -7.14 -0.81 -3.97
N ALA A 27 -7.59 -2.04 -4.29
CA ALA A 27 -7.00 -3.27 -3.76
C ALA A 27 -5.52 -3.45 -4.18
N CYS A 28 -4.62 -3.60 -3.21
CA CYS A 28 -3.17 -3.70 -3.38
C CYS A 28 -2.72 -4.62 -4.54
N GLN A 29 -1.82 -4.10 -5.38
CA GLN A 29 -1.16 -4.84 -6.47
C GLN A 29 0.12 -5.56 -6.01
N ARG A 30 0.91 -4.99 -5.10
CA ARG A 30 2.23 -5.52 -4.70
C ARG A 30 2.12 -6.87 -3.99
N PHE A 31 1.26 -6.98 -2.97
CA PHE A 31 1.15 -8.15 -2.09
C PHE A 31 0.20 -9.25 -2.60
N LEU A 32 -0.13 -9.25 -3.90
CA LEU A 32 -0.85 -10.36 -4.57
C LEU A 32 0.02 -11.63 -4.69
N ASP A 33 -0.64 -12.78 -4.86
CA ASP A 33 -0.02 -14.11 -5.10
C ASP A 33 0.61 -14.27 -6.51
N GLY A 1 -8.46 -6.31 6.86
CA GLY A 1 -7.42 -6.90 6.00
C GLY A 1 -6.04 -6.24 6.12
N ASP A 2 -5.70 -5.63 7.26
CA ASP A 2 -4.37 -5.07 7.52
C ASP A 2 -3.33 -6.18 7.71
N ALA A 3 -2.21 -6.04 7.00
CA ALA A 3 -1.17 -7.06 6.85
C ALA A 3 0.22 -6.45 6.58
N LYS A 4 0.42 -5.18 7.00
CA LYS A 4 1.59 -4.34 6.65
C LYS A 4 1.76 -4.25 5.12
N LYS A 5 0.71 -3.78 4.44
CA LYS A 5 0.75 -3.40 3.03
C LYS A 5 1.51 -2.06 2.86
N CYS A 6 1.70 -1.61 1.63
CA CYS A 6 2.39 -0.38 1.22
C CYS A 6 2.30 0.77 2.27
N ARG A 7 1.06 1.16 2.59
CA ARG A 7 0.72 2.24 3.51
C ARG A 7 1.23 2.02 4.92
N LYS A 8 0.90 0.91 5.59
CA LYS A 8 1.40 0.56 6.93
C LYS A 8 2.91 0.16 6.97
N VAL A 9 3.60 0.16 5.83
CA VAL A 9 5.07 0.03 5.70
C VAL A 9 5.76 1.39 5.49
N TYR A 10 5.46 2.10 4.39
CA TYR A 10 6.20 3.31 3.97
C TYR A 10 5.58 4.63 4.49
N GLY A 11 4.26 4.69 4.61
CA GLY A 11 3.51 5.88 5.07
C GLY A 11 3.21 6.95 4.00
N MET A 12 2.26 7.83 4.31
CA MET A 12 1.75 8.86 3.36
C MET A 12 2.84 9.90 3.01
N GLU A 13 3.84 10.08 3.89
CA GLU A 13 5.06 10.87 3.62
C GLU A 13 5.97 10.23 2.55
N ARG A 14 5.75 8.93 2.24
CA ARG A 14 6.42 8.16 1.18
C ARG A 14 5.45 7.37 0.29
N ARG A 15 4.20 7.82 0.17
CA ARG A 15 3.17 7.36 -0.80
C ARG A 15 3.69 7.03 -2.21
N ASP A 16 4.71 7.73 -2.68
CA ASP A 16 5.35 7.45 -3.98
C ASP A 16 5.98 6.03 -4.07
N LEU A 17 6.32 5.41 -2.94
CA LEU A 17 6.78 4.01 -2.87
C LEU A 17 5.62 2.99 -2.88
N TRP A 18 4.40 3.40 -2.55
CA TRP A 18 3.23 2.52 -2.55
C TRP A 18 2.87 2.07 -3.97
N CYS A 19 2.20 0.91 -4.08
CA CYS A 19 1.61 0.50 -5.33
C CYS A 19 0.47 1.46 -5.75
N THR A 20 0.13 1.49 -7.04
CA THR A 20 -0.85 2.46 -7.57
C THR A 20 -2.28 2.21 -7.05
N ALA A 21 -2.64 0.94 -6.80
CA ALA A 21 -3.88 0.64 -6.10
C ALA A 21 -3.90 1.27 -4.69
N CYS A 22 -2.87 1.09 -3.85
CA CYS A 22 -2.74 1.74 -2.54
C CYS A 22 -2.77 3.28 -2.62
N ARG A 23 -2.01 3.89 -3.55
CA ARG A 23 -2.00 5.35 -3.81
C ARG A 23 -3.42 5.89 -3.90
N TRP A 24 -4.33 5.09 -4.49
CA TRP A 24 -5.72 5.46 -4.78
C TRP A 24 -6.78 4.76 -3.89
N LYS A 25 -6.41 4.18 -2.74
CA LYS A 25 -7.31 3.43 -1.82
C LYS A 25 -8.03 2.22 -2.46
N LYS A 26 -7.42 1.53 -3.42
CA LYS A 26 -7.95 0.31 -4.07
C LYS A 26 -7.07 -0.92 -3.73
N ALA A 27 -7.59 -2.13 -3.96
CA ALA A 27 -6.97 -3.38 -3.49
C ALA A 27 -5.52 -3.60 -3.97
N CYS A 28 -4.59 -3.73 -3.01
CA CYS A 28 -3.15 -3.86 -3.21
C CYS A 28 -2.71 -4.92 -4.25
N GLN A 29 -1.67 -4.56 -5.02
CA GLN A 29 -1.01 -5.43 -6.01
C GLN A 29 0.46 -5.78 -5.67
N ARG A 30 1.08 -5.14 -4.66
CA ARG A 30 2.45 -5.41 -4.19
C ARG A 30 2.52 -6.42 -3.04
N PHE A 31 1.52 -6.39 -2.16
CA PHE A 31 1.39 -7.26 -0.99
C PHE A 31 0.01 -7.95 -1.01
N LEU A 32 -0.09 -9.02 -1.81
CA LEU A 32 -1.36 -9.70 -2.11
C LEU A 32 -2.07 -10.27 -0.86
N ASP A 33 -3.40 -10.28 -0.90
CA ASP A 33 -4.30 -10.57 0.24
C ASP A 33 -5.55 -11.37 -0.21
N GLY A 1 -7.58 -5.23 6.58
CA GLY A 1 -6.87 -4.26 7.41
C GLY A 1 -5.76 -4.82 8.30
N ASP A 2 -5.80 -6.12 8.61
CA ASP A 2 -4.84 -6.78 9.53
C ASP A 2 -3.46 -7.12 8.89
N ALA A 3 -3.31 -6.85 7.59
CA ALA A 3 -2.10 -7.07 6.79
C ALA A 3 -0.96 -6.07 7.10
N LYS A 4 0.13 -6.14 6.32
CA LYS A 4 1.25 -5.17 6.27
C LYS A 4 1.49 -4.78 4.80
N LYS A 5 0.52 -4.09 4.20
CA LYS A 5 0.60 -3.58 2.82
C LYS A 5 1.38 -2.26 2.76
N CYS A 6 1.62 -1.73 1.56
CA CYS A 6 2.42 -0.55 1.27
C CYS A 6 2.27 0.58 2.33
N ARG A 7 1.03 0.99 2.60
CA ARG A 7 0.68 2.09 3.50
C ARG A 7 1.06 1.83 4.97
N LYS A 8 0.76 0.67 5.56
CA LYS A 8 1.23 0.31 6.93
C LYS A 8 2.73 -0.04 7.00
N VAL A 9 3.43 -0.12 5.86
CA VAL A 9 4.90 -0.27 5.79
C VAL A 9 5.62 1.10 5.70
N TYR A 10 5.30 1.93 4.70
CA TYR A 10 6.00 3.20 4.41
C TYR A 10 5.33 4.47 4.94
N GLY A 11 4.00 4.52 4.97
CA GLY A 11 3.21 5.69 5.41
C GLY A 11 3.01 6.80 4.38
N MET A 12 2.09 7.72 4.68
CA MET A 12 1.65 8.80 3.76
C MET A 12 2.78 9.80 3.44
N GLU A 13 3.77 9.95 4.33
CA GLU A 13 5.02 10.69 4.08
C GLU A 13 5.92 10.04 3.02
N ARG A 14 5.71 8.74 2.72
CA ARG A 14 6.42 7.95 1.69
C ARG A 14 5.51 7.22 0.69
N ARG A 15 4.24 7.67 0.54
CA ARG A 15 3.29 7.25 -0.51
C ARG A 15 3.88 7.04 -1.92
N ASP A 16 4.97 7.73 -2.28
CA ASP A 16 5.74 7.50 -3.52
C ASP A 16 6.33 6.06 -3.66
N LEU A 17 6.51 5.32 -2.57
CA LEU A 17 6.98 3.93 -2.54
C LEU A 17 5.82 2.89 -2.62
N TRP A 18 4.57 3.33 -2.43
CA TRP A 18 3.41 2.46 -2.51
C TRP A 18 3.09 2.03 -3.95
N CYS A 19 2.36 0.92 -4.11
CA CYS A 19 1.79 0.54 -5.39
C CYS A 19 0.67 1.53 -5.83
N THR A 20 0.32 1.53 -7.11
CA THR A 20 -0.68 2.46 -7.66
C THR A 20 -2.10 2.18 -7.16
N ALA A 21 -2.44 0.92 -6.85
CA ALA A 21 -3.68 0.61 -6.17
C ALA A 21 -3.76 1.31 -4.80
N CYS A 22 -2.73 1.16 -3.95
CA CYS A 22 -2.63 1.84 -2.66
C CYS A 22 -2.69 3.38 -2.80
N ARG A 23 -1.90 3.98 -3.71
CA ARG A 23 -1.94 5.44 -4.01
C ARG A 23 -3.39 5.95 -4.08
N TRP A 24 -4.23 5.19 -4.77
CA TRP A 24 -5.63 5.51 -5.09
C TRP A 24 -6.67 4.82 -4.19
N LYS A 25 -6.25 4.22 -3.06
CA LYS A 25 -7.09 3.48 -2.09
C LYS A 25 -7.90 2.31 -2.69
N LYS A 26 -7.40 1.68 -3.77
CA LYS A 26 -7.91 0.43 -4.36
C LYS A 26 -7.15 -0.78 -3.76
N ALA A 27 -7.65 -2.00 -3.98
CA ALA A 27 -7.03 -3.23 -3.45
C ALA A 27 -5.57 -3.44 -3.94
N CYS A 28 -4.64 -3.57 -2.99
CA CYS A 28 -3.20 -3.69 -3.20
C CYS A 28 -2.79 -4.79 -4.21
N GLN A 29 -2.09 -4.40 -5.28
CA GLN A 29 -1.54 -5.31 -6.29
C GLN A 29 -0.16 -5.88 -5.89
N ARG A 30 0.57 -5.19 -4.98
CA ARG A 30 1.93 -5.55 -4.53
C ARG A 30 1.95 -6.58 -3.40
N PHE A 31 0.94 -6.54 -2.52
CA PHE A 31 0.78 -7.39 -1.33
C PHE A 31 -0.66 -7.94 -1.23
N LEU A 32 -1.06 -8.74 -2.23
CA LEU A 32 -2.36 -9.43 -2.28
C LEU A 32 -2.56 -10.35 -1.06
N ASP A 33 -3.79 -10.40 -0.53
CA ASP A 33 -4.20 -11.32 0.55
C ASP A 33 -4.36 -12.78 0.08
N GLY A 1 -7.87 -6.30 3.56
CA GLY A 1 -6.82 -7.31 3.52
C GLY A 1 -6.19 -7.67 4.88
N ASP A 2 -5.62 -8.87 4.95
CA ASP A 2 -4.88 -9.40 6.11
C ASP A 2 -3.37 -9.08 6.05
N ALA A 3 -2.80 -8.96 4.84
CA ALA A 3 -1.41 -8.58 4.63
C ALA A 3 -1.14 -7.11 5.02
N LYS A 4 0.07 -6.82 5.51
CA LYS A 4 0.56 -5.47 5.80
C LYS A 4 0.90 -4.76 4.48
N LYS A 5 0.01 -3.90 4.01
CA LYS A 5 0.06 -3.22 2.70
C LYS A 5 1.05 -2.06 2.65
N CYS A 6 1.39 -1.62 1.43
CA CYS A 6 2.23 -0.47 1.11
C CYS A 6 2.13 0.69 2.13
N ARG A 7 0.90 1.15 2.40
CA ARG A 7 0.61 2.27 3.29
C ARG A 7 1.14 2.06 4.72
N LYS A 8 0.79 0.97 5.41
CA LYS A 8 1.34 0.62 6.74
C LYS A 8 2.80 0.14 6.68
N VAL A 9 3.39 -0.04 5.49
CA VAL A 9 4.84 -0.31 5.31
C VAL A 9 5.66 0.99 5.22
N TYR A 10 5.34 1.88 4.27
CA TYR A 10 6.14 3.07 3.95
C TYR A 10 5.65 4.37 4.59
N GLY A 11 4.32 4.61 4.63
CA GLY A 11 3.70 5.80 5.22
C GLY A 11 3.33 6.93 4.25
N MET A 12 2.53 7.87 4.75
CA MET A 12 1.93 8.97 3.96
C MET A 12 2.94 9.99 3.44
N GLU A 13 4.08 10.14 4.14
CA GLU A 13 5.25 10.92 3.68
C GLU A 13 6.10 10.13 2.64
N ARG A 14 5.71 8.90 2.31
CA ARG A 14 6.39 7.98 1.36
C ARG A 14 5.45 7.32 0.32
N ARG A 15 4.19 7.78 0.18
CA ARG A 15 3.22 7.43 -0.90
C ARG A 15 3.81 7.14 -2.30
N ASP A 16 4.88 7.81 -2.70
CA ASP A 16 5.59 7.53 -3.97
C ASP A 16 6.08 6.06 -4.11
N LEU A 17 6.38 5.39 -3.00
CA LEU A 17 6.81 3.98 -2.90
C LEU A 17 5.64 2.97 -2.87
N TRP A 18 4.43 3.42 -2.61
CA TRP A 18 3.23 2.56 -2.63
C TRP A 18 2.90 2.11 -4.06
N CYS A 19 2.20 0.97 -4.19
CA CYS A 19 1.65 0.57 -5.47
C CYS A 19 0.52 1.52 -5.96
N THR A 20 0.17 1.43 -7.25
CA THR A 20 -0.85 2.29 -7.87
C THR A 20 -2.21 2.12 -7.19
N ALA A 21 -2.59 0.89 -6.86
CA ALA A 21 -3.83 0.62 -6.15
C ALA A 21 -3.87 1.29 -4.75
N CYS A 22 -2.83 1.08 -3.92
CA CYS A 22 -2.70 1.72 -2.62
C CYS A 22 -2.71 3.26 -2.71
N ARG A 23 -1.94 3.86 -3.63
CA ARG A 23 -1.96 5.33 -3.89
C ARG A 23 -3.38 5.85 -4.02
N TRP A 24 -4.25 5.10 -4.70
CA TRP A 24 -5.63 5.43 -5.05
C TRP A 24 -6.68 4.85 -4.07
N LYS A 25 -6.24 4.28 -2.93
CA LYS A 25 -7.04 3.60 -1.89
C LYS A 25 -7.88 2.41 -2.43
N LYS A 26 -7.29 1.56 -3.28
CA LYS A 26 -7.92 0.35 -3.86
C LYS A 26 -7.07 -0.90 -3.56
N ALA A 27 -7.62 -2.11 -3.79
CA ALA A 27 -6.97 -3.36 -3.39
C ALA A 27 -5.56 -3.58 -3.98
N CYS A 28 -4.58 -3.83 -3.12
CA CYS A 28 -3.16 -3.93 -3.45
C CYS A 28 -2.80 -4.91 -4.59
N GLN A 29 -1.77 -4.55 -5.37
CA GLN A 29 -1.14 -5.41 -6.39
C GLN A 29 0.28 -5.92 -6.02
N ARG A 30 0.91 -5.39 -4.96
CA ARG A 30 2.23 -5.84 -4.43
C ARG A 30 2.11 -6.89 -3.32
N PHE A 31 1.60 -6.49 -2.15
CA PHE A 31 1.46 -7.32 -0.94
C PHE A 31 0.18 -8.17 -1.00
N LEU A 32 0.12 -9.10 -1.98
CA LEU A 32 -0.98 -10.03 -2.15
C LEU A 32 -1.13 -10.94 -0.92
N ASP A 33 -2.38 -11.11 -0.45
CA ASP A 33 -2.75 -11.85 0.78
C ASP A 33 -2.56 -13.38 0.67
N GLY A 1 -4.27 -4.24 11.04
CA GLY A 1 -5.20 -4.56 9.93
C GLY A 1 -4.97 -5.93 9.28
N ASP A 2 -5.50 -6.13 8.08
CA ASP A 2 -5.50 -7.39 7.32
C ASP A 2 -4.08 -7.99 7.09
N ALA A 3 -3.15 -7.15 6.62
CA ALA A 3 -1.72 -7.41 6.44
C ALA A 3 -0.97 -6.08 6.42
N LYS A 4 0.36 -6.06 6.56
CA LYS A 4 1.18 -4.83 6.44
C LYS A 4 1.35 -4.48 4.95
N LYS A 5 0.32 -3.85 4.36
CA LYS A 5 0.30 -3.40 2.96
C LYS A 5 0.89 -1.99 2.83
N CYS A 6 1.08 -1.51 1.60
CA CYS A 6 1.82 -0.30 1.24
C CYS A 6 1.66 0.89 2.23
N ARG A 7 0.43 1.35 2.51
CA ARG A 7 0.22 2.49 3.41
C ARG A 7 0.75 2.23 4.83
N LYS A 8 0.49 1.07 5.43
CA LYS A 8 1.13 0.68 6.71
C LYS A 8 2.65 0.41 6.60
N VAL A 9 3.21 0.19 5.40
CA VAL A 9 4.67 0.04 5.18
C VAL A 9 5.42 1.37 5.19
N TYR A 10 5.05 2.34 4.33
CA TYR A 10 5.84 3.57 4.10
C TYR A 10 5.21 4.87 4.66
N GLY A 11 3.87 4.96 4.72
CA GLY A 11 3.12 6.16 5.09
C GLY A 11 2.88 7.17 3.95
N MET A 12 1.95 8.11 4.17
CA MET A 12 1.49 9.06 3.14
C MET A 12 2.57 10.10 2.77
N GLU A 13 3.54 10.31 3.67
CA GLU A 13 4.77 11.08 3.40
C GLU A 13 5.71 10.36 2.41
N ARG A 14 5.52 9.04 2.18
CA ARG A 14 6.24 8.21 1.21
C ARG A 14 5.32 7.39 0.27
N ARG A 15 4.07 7.83 0.11
CA ARG A 15 3.08 7.36 -0.90
C ARG A 15 3.66 6.97 -2.28
N ASP A 16 4.68 7.66 -2.77
CA ASP A 16 5.32 7.37 -4.07
C ASP A 16 6.03 5.98 -4.11
N LEU A 17 6.28 5.36 -2.95
CA LEU A 17 6.83 4.01 -2.80
C LEU A 17 5.76 2.92 -2.72
N TRP A 18 4.48 3.31 -2.54
CA TRP A 18 3.33 2.39 -2.54
C TRP A 18 3.01 1.88 -3.96
N CYS A 19 2.29 0.75 -4.06
CA CYS A 19 1.76 0.32 -5.35
C CYS A 19 0.59 1.28 -5.79
N THR A 20 0.26 1.30 -7.08
CA THR A 20 -0.69 2.30 -7.61
C THR A 20 -2.13 2.10 -7.14
N ALA A 21 -2.59 0.87 -6.92
CA ALA A 21 -3.88 0.63 -6.27
C ALA A 21 -3.93 1.25 -4.86
N CYS A 22 -2.91 1.01 -4.03
CA CYS A 22 -2.82 1.62 -2.71
C CYS A 22 -2.75 3.17 -2.77
N ARG A 23 -1.94 3.76 -3.69
CA ARG A 23 -1.89 5.23 -3.90
C ARG A 23 -3.30 5.82 -3.97
N TRP A 24 -4.20 5.08 -4.62
CA TRP A 24 -5.60 5.43 -4.89
C TRP A 24 -6.62 4.74 -3.95
N LYS A 25 -6.17 4.14 -2.85
CA LYS A 25 -6.96 3.42 -1.83
C LYS A 25 -7.81 2.25 -2.38
N LYS A 26 -7.29 1.48 -3.32
CA LYS A 26 -7.90 0.27 -3.91
C LYS A 26 -7.02 -0.98 -3.63
N ALA A 27 -7.56 -2.17 -3.86
CA ALA A 27 -6.93 -3.44 -3.45
C ALA A 27 -5.50 -3.65 -4.01
N CYS A 28 -4.54 -3.89 -3.12
CA CYS A 28 -3.10 -4.00 -3.38
C CYS A 28 -2.73 -4.89 -4.60
N GLN A 29 -1.87 -4.35 -5.49
CA GLN A 29 -1.31 -5.03 -6.65
C GLN A 29 -0.02 -5.83 -6.34
N ARG A 30 0.77 -5.39 -5.35
CA ARG A 30 2.12 -5.90 -5.06
C ARG A 30 2.17 -6.91 -3.91
N PHE A 31 1.74 -6.50 -2.70
CA PHE A 31 1.68 -7.35 -1.51
C PHE A 31 0.38 -8.17 -1.46
N LEU A 32 0.23 -9.07 -2.45
CA LEU A 32 -0.95 -9.92 -2.66
C LEU A 32 -1.19 -10.88 -1.47
N ASP A 33 -2.47 -11.27 -1.28
CA ASP A 33 -2.93 -12.16 -0.19
C ASP A 33 -2.32 -13.58 -0.23
N GLY A 1 -5.21 -6.66 9.62
CA GLY A 1 -4.74 -7.63 10.61
C GLY A 1 -4.03 -8.82 9.96
N ASP A 2 -4.57 -9.27 8.82
CA ASP A 2 -4.04 -10.39 8.02
C ASP A 2 -2.83 -10.01 7.14
N ALA A 3 -2.48 -8.72 7.05
CA ALA A 3 -1.46 -8.18 6.14
C ALA A 3 -0.69 -6.96 6.70
N LYS A 4 0.40 -6.58 6.00
CA LYS A 4 1.22 -5.38 6.25
C LYS A 4 1.66 -4.79 4.90
N LYS A 5 0.71 -4.13 4.23
CA LYS A 5 0.77 -3.63 2.85
C LYS A 5 1.54 -2.31 2.75
N CYS A 6 1.72 -1.79 1.52
CA CYS A 6 2.46 -0.58 1.19
C CYS A 6 2.38 0.54 2.25
N ARG A 7 1.15 0.96 2.59
CA ARG A 7 0.86 2.04 3.54
C ARG A 7 1.37 1.73 4.96
N LYS A 8 1.07 0.56 5.51
CA LYS A 8 1.61 0.07 6.80
C LYS A 8 3.12 -0.27 6.76
N VAL A 9 3.78 -0.19 5.59
CA VAL A 9 5.24 -0.27 5.43
C VAL A 9 5.91 1.10 5.36
N TYR A 10 5.54 1.94 4.37
CA TYR A 10 6.24 3.19 4.06
C TYR A 10 5.61 4.45 4.71
N GLY A 11 4.28 4.51 4.83
CA GLY A 11 3.54 5.65 5.37
C GLY A 11 3.17 6.77 4.38
N MET A 12 2.26 7.65 4.81
CA MET A 12 1.66 8.70 3.96
C MET A 12 2.67 9.78 3.53
N GLU A 13 3.73 10.00 4.32
CA GLU A 13 4.88 10.86 3.96
C GLU A 13 5.79 10.21 2.89
N ARG A 14 5.61 8.92 2.61
CA ARG A 14 6.35 8.13 1.59
C ARG A 14 5.45 7.37 0.61
N ARG A 15 4.15 7.74 0.52
CA ARG A 15 3.16 7.31 -0.50
C ARG A 15 3.66 7.14 -1.94
N ASP A 16 4.70 7.88 -2.37
CA ASP A 16 5.39 7.66 -3.65
C ASP A 16 5.96 6.23 -3.84
N LEU A 17 6.32 5.54 -2.75
CA LEU A 17 6.84 4.18 -2.71
C LEU A 17 5.76 3.08 -2.70
N TRP A 18 4.49 3.45 -2.50
CA TRP A 18 3.36 2.52 -2.51
C TRP A 18 3.00 2.08 -3.93
N CYS A 19 2.28 0.95 -4.04
CA CYS A 19 1.68 0.56 -5.32
C CYS A 19 0.54 1.56 -5.73
N THR A 20 0.12 1.51 -6.99
CA THR A 20 -0.87 2.48 -7.51
C THR A 20 -2.29 2.25 -6.96
N ALA A 21 -2.66 0.99 -6.69
CA ALA A 21 -3.90 0.70 -5.97
C ALA A 21 -3.91 1.36 -4.57
N CYS A 22 -2.86 1.17 -3.77
CA CYS A 22 -2.69 1.82 -2.46
C CYS A 22 -2.71 3.36 -2.56
N ARG A 23 -1.95 3.97 -3.50
CA ARG A 23 -1.96 5.42 -3.76
C ARG A 23 -3.39 5.97 -3.78
N TRP A 24 -4.30 5.23 -4.44
CA TRP A 24 -5.69 5.60 -4.69
C TRP A 24 -6.72 4.93 -3.75
N LYS A 25 -6.28 4.34 -2.64
CA LYS A 25 -7.10 3.65 -1.63
C LYS A 25 -7.93 2.47 -2.19
N LYS A 26 -7.39 1.68 -3.13
CA LYS A 26 -8.02 0.47 -3.71
C LYS A 26 -7.18 -0.79 -3.43
N ALA A 27 -7.75 -1.99 -3.60
CA ALA A 27 -7.14 -3.26 -3.18
C ALA A 27 -5.72 -3.50 -3.76
N CYS A 28 -4.75 -3.67 -2.87
CA CYS A 28 -3.32 -3.77 -3.16
C CYS A 28 -2.97 -4.84 -4.23
N GLN A 29 -2.53 -4.39 -5.41
CA GLN A 29 -2.06 -5.25 -6.51
C GLN A 29 -0.72 -5.97 -6.20
N ARG A 30 -0.01 -5.54 -5.15
CA ARG A 30 1.36 -5.94 -4.77
C ARG A 30 1.39 -6.94 -3.60
N PHE A 31 0.45 -6.82 -2.66
CA PHE A 31 0.34 -7.60 -1.41
C PHE A 31 -1.12 -8.02 -1.12
N LEU A 32 -1.66 -8.87 -2.01
CA LEU A 32 -3.01 -9.43 -1.87
C LEU A 32 -3.18 -10.27 -0.58
N ASP A 33 -4.41 -10.33 -0.05
CA ASP A 33 -4.81 -11.19 1.10
C ASP A 33 -4.68 -12.70 0.80
N GLY A 1 -6.75 -6.96 6.56
CA GLY A 1 -5.57 -6.95 7.43
C GLY A 1 -4.76 -8.24 7.51
N ASP A 2 -4.99 -9.19 6.59
CA ASP A 2 -4.21 -10.44 6.49
C ASP A 2 -2.79 -10.25 5.89
N ALA A 3 -2.38 -9.00 5.68
CA ALA A 3 -1.08 -8.54 5.20
C ALA A 3 -0.72 -7.17 5.78
N LYS A 4 0.58 -6.87 5.92
CA LYS A 4 1.12 -5.53 6.27
C LYS A 4 1.48 -4.82 4.96
N LYS A 5 0.50 -4.13 4.36
CA LYS A 5 0.55 -3.55 3.02
C LYS A 5 1.32 -2.21 2.97
N CYS A 6 1.45 -1.65 1.77
CA CYS A 6 2.28 -0.49 1.45
C CYS A 6 2.15 0.66 2.47
N ARG A 7 0.93 1.09 2.81
CA ARG A 7 0.67 2.21 3.74
C ARG A 7 1.21 1.95 5.15
N LYS A 8 0.99 0.76 5.73
CA LYS A 8 1.60 0.32 7.00
C LYS A 8 3.09 -0.03 6.90
N VAL A 9 3.68 -0.02 5.70
CA VAL A 9 5.14 -0.13 5.48
C VAL A 9 5.81 1.26 5.39
N TYR A 10 5.38 2.12 4.46
CA TYR A 10 6.07 3.38 4.11
C TYR A 10 5.44 4.66 4.70
N GLY A 11 4.12 4.67 4.92
CA GLY A 11 3.38 5.85 5.41
C GLY A 11 2.95 6.86 4.33
N MET A 12 1.92 7.67 4.68
CA MET A 12 1.31 8.64 3.76
C MET A 12 2.27 9.79 3.39
N GLU A 13 3.28 10.04 4.21
CA GLU A 13 4.39 10.95 3.88
C GLU A 13 5.26 10.42 2.73
N ARG A 14 5.34 9.08 2.56
CA ARG A 14 6.08 8.39 1.48
C ARG A 14 5.21 7.50 0.57
N ARG A 15 3.91 7.80 0.47
CA ARG A 15 2.96 7.20 -0.51
C ARG A 15 3.42 7.07 -1.97
N ASP A 16 4.46 7.80 -2.39
CA ASP A 16 5.11 7.60 -3.70
C ASP A 16 5.79 6.22 -3.84
N LEU A 17 6.15 5.57 -2.73
CA LEU A 17 6.72 4.21 -2.68
C LEU A 17 5.66 3.09 -2.73
N TRP A 18 4.38 3.40 -2.48
CA TRP A 18 3.29 2.44 -2.52
C TRP A 18 2.99 1.94 -3.96
N CYS A 19 2.26 0.83 -4.08
CA CYS A 19 1.73 0.39 -5.35
C CYS A 19 0.61 1.35 -5.86
N THR A 20 0.29 1.28 -7.16
CA THR A 20 -0.66 2.22 -7.78
C THR A 20 -2.09 2.05 -7.25
N ALA A 21 -2.49 0.83 -6.90
CA ALA A 21 -3.75 0.58 -6.22
C ALA A 21 -3.80 1.27 -4.84
N CYS A 22 -2.78 1.09 -3.99
CA CYS A 22 -2.67 1.78 -2.70
C CYS A 22 -2.73 3.32 -2.85
N ARG A 23 -1.94 3.91 -3.77
CA ARG A 23 -1.98 5.35 -4.09
C ARG A 23 -3.41 5.84 -4.28
N TRP A 24 -4.26 5.05 -4.94
CA TRP A 24 -5.65 5.38 -5.30
C TRP A 24 -6.71 4.77 -4.34
N LYS A 25 -6.29 4.20 -3.20
CA LYS A 25 -7.12 3.47 -2.22
C LYS A 25 -7.96 2.31 -2.81
N LYS A 26 -7.43 1.63 -3.82
CA LYS A 26 -7.95 0.37 -4.40
C LYS A 26 -7.16 -0.84 -3.84
N ALA A 27 -7.66 -2.06 -4.00
CA ALA A 27 -7.05 -3.27 -3.41
C ALA A 27 -5.57 -3.48 -3.83
N CYS A 28 -4.67 -3.56 -2.86
CA CYS A 28 -3.22 -3.66 -3.01
C CYS A 28 -2.76 -4.70 -4.07
N GLN A 29 -2.04 -4.23 -5.10
CA GLN A 29 -1.43 -5.06 -6.14
C GLN A 29 -0.26 -5.90 -5.61
N ARG A 30 0.53 -5.36 -4.67
CA ARG A 30 1.77 -5.96 -4.15
C ARG A 30 1.52 -7.04 -3.09
N PHE A 31 0.44 -6.92 -2.31
CA PHE A 31 0.12 -7.74 -1.14
C PHE A 31 -1.39 -8.08 -1.07
N LEU A 32 -1.88 -8.81 -2.08
CA LEU A 32 -3.27 -9.29 -2.18
C LEU A 32 -3.68 -10.19 -0.97
N ASP A 33 -4.96 -10.11 -0.58
CA ASP A 33 -5.63 -10.95 0.44
C ASP A 33 -7.13 -11.20 0.13
N GLY A 1 -8.05 -5.85 4.57
CA GLY A 1 -7.36 -7.13 4.61
C GLY A 1 -6.52 -7.33 5.87
N ASP A 2 -6.27 -8.60 6.25
CA ASP A 2 -5.54 -8.95 7.49
C ASP A 2 -4.02 -8.66 7.46
N ALA A 3 -3.38 -8.78 6.29
CA ALA A 3 -1.94 -8.61 6.10
C ALA A 3 -1.47 -7.13 6.10
N LYS A 4 -0.21 -6.88 6.50
CA LYS A 4 0.42 -5.57 6.31
C LYS A 4 0.67 -5.30 4.82
N LYS A 5 0.37 -4.08 4.36
CA LYS A 5 0.49 -3.62 2.97
C LYS A 5 1.24 -2.28 2.88
N CYS A 6 1.48 -1.82 1.64
CA CYS A 6 2.29 -0.66 1.28
C CYS A 6 2.21 0.50 2.31
N ARG A 7 1.02 1.07 2.50
CA ARG A 7 0.78 2.26 3.35
C ARG A 7 1.25 2.09 4.80
N LYS A 8 0.99 0.95 5.47
CA LYS A 8 1.55 0.65 6.80
C LYS A 8 3.03 0.21 6.79
N VAL A 9 3.63 -0.07 5.63
CA VAL A 9 5.09 -0.28 5.48
C VAL A 9 5.86 1.05 5.40
N TYR A 10 5.57 1.91 4.41
CA TYR A 10 6.36 3.13 4.14
C TYR A 10 5.83 4.41 4.80
N GLY A 11 4.51 4.55 4.94
CA GLY A 11 3.84 5.77 5.41
C GLY A 11 3.61 6.87 4.36
N MET A 12 2.77 7.85 4.72
CA MET A 12 2.34 8.93 3.80
C MET A 12 3.49 9.90 3.44
N GLU A 13 4.54 9.98 4.28
CA GLU A 13 5.80 10.69 3.95
C GLU A 13 6.61 9.98 2.85
N ARG A 14 6.28 8.72 2.53
CA ARG A 14 6.88 7.89 1.48
C ARG A 14 5.85 7.23 0.54
N ARG A 15 4.62 7.77 0.51
CA ARG A 15 3.51 7.49 -0.44
C ARG A 15 3.92 7.17 -1.89
N ASP A 16 5.00 7.77 -2.40
CA ASP A 16 5.52 7.50 -3.74
C ASP A 16 6.08 6.06 -3.93
N LEU A 17 6.44 5.36 -2.84
CA LEU A 17 6.91 3.97 -2.84
C LEU A 17 5.79 2.92 -2.82
N TRP A 18 4.54 3.34 -2.57
CA TRP A 18 3.37 2.46 -2.53
C TRP A 18 2.96 1.96 -3.94
N CYS A 19 2.20 0.85 -4.02
CA CYS A 19 1.56 0.43 -5.26
C CYS A 19 0.39 1.37 -5.66
N THR A 20 -0.07 1.30 -6.91
CA THR A 20 -1.05 2.27 -7.42
C THR A 20 -2.46 2.08 -6.83
N ALA A 21 -2.88 0.86 -6.51
CA ALA A 21 -4.12 0.66 -5.77
C ALA A 21 -4.07 1.30 -4.36
N CYS A 22 -2.95 1.14 -3.63
CA CYS A 22 -2.74 1.79 -2.35
C CYS A 22 -2.74 3.34 -2.47
N ARG A 23 -2.01 3.91 -3.44
CA ARG A 23 -2.05 5.36 -3.74
C ARG A 23 -3.49 5.88 -3.83
N TRP A 24 -4.41 5.08 -4.38
CA TRP A 24 -5.81 5.44 -4.66
C TRP A 24 -6.83 4.80 -3.71
N LYS A 25 -6.39 4.24 -2.57
CA LYS A 25 -7.22 3.59 -1.53
C LYS A 25 -8.11 2.43 -2.06
N LYS A 26 -7.61 1.61 -2.98
CA LYS A 26 -8.26 0.37 -3.50
C LYS A 26 -7.43 -0.87 -3.16
N ALA A 27 -7.97 -2.09 -3.33
CA ALA A 27 -7.28 -3.32 -2.90
C ALA A 27 -5.88 -3.50 -3.55
N CYS A 28 -4.85 -3.70 -2.71
CA CYS A 28 -3.45 -3.75 -3.08
C CYS A 28 -3.12 -4.69 -4.29
N GLN A 29 -2.47 -4.14 -5.32
CA GLN A 29 -1.98 -4.89 -6.48
C GLN A 29 -0.72 -5.71 -6.19
N ARG A 30 0.20 -5.17 -5.37
CA ARG A 30 1.53 -5.75 -5.11
C ARG A 30 1.52 -6.90 -4.09
N PHE A 31 0.57 -6.89 -3.17
CA PHE A 31 0.43 -7.87 -2.08
C PHE A 31 -0.95 -8.55 -2.12
N LEU A 32 -1.28 -9.14 -3.28
CA LEU A 32 -2.45 -10.03 -3.46
C LEU A 32 -2.26 -11.36 -2.73
N ASP A 33 -3.36 -11.98 -2.31
CA ASP A 33 -3.44 -13.32 -1.69
C ASP A 33 -3.07 -14.48 -2.65
N GLY A 1 -6.91 -9.48 6.85
CA GLY A 1 -6.18 -10.40 7.73
C GLY A 1 -5.18 -9.67 8.65
N ASP A 2 -4.10 -10.34 9.05
CA ASP A 2 -2.96 -9.75 9.75
C ASP A 2 -2.07 -8.90 8.82
N ALA A 3 -2.68 -7.89 8.19
CA ALA A 3 -2.11 -7.10 7.10
C ALA A 3 -0.93 -6.19 7.52
N LYS A 4 0.02 -5.98 6.58
CA LYS A 4 1.21 -5.11 6.68
C LYS A 4 1.60 -4.62 5.26
N LYS A 5 0.64 -3.99 4.58
CA LYS A 5 0.71 -3.52 3.19
C LYS A 5 1.43 -2.16 3.08
N CYS A 6 1.52 -1.62 1.85
CA CYS A 6 2.24 -0.40 1.49
C CYS A 6 2.15 0.73 2.55
N ARG A 7 0.91 1.15 2.88
CA ARG A 7 0.60 2.24 3.81
C ARG A 7 1.10 1.98 5.23
N LYS A 8 0.85 0.81 5.81
CA LYS A 8 1.36 0.39 7.13
C LYS A 8 2.87 0.14 7.17
N VAL A 9 3.54 0.09 6.01
CA VAL A 9 5.00 -0.02 5.89
C VAL A 9 5.68 1.34 5.66
N TYR A 10 5.36 2.04 4.56
CA TYR A 10 6.06 3.26 4.11
C TYR A 10 5.40 4.59 4.54
N GLY A 11 4.07 4.64 4.67
CA GLY A 11 3.33 5.84 5.14
C GLY A 11 3.10 6.97 4.12
N MET A 12 2.22 7.92 4.48
CA MET A 12 1.78 9.03 3.62
C MET A 12 2.95 9.97 3.25
N GLU A 13 3.95 10.10 4.13
CA GLU A 13 5.19 10.84 3.84
C GLU A 13 6.04 10.21 2.73
N ARG A 14 5.83 8.93 2.41
CA ARG A 14 6.55 8.18 1.35
C ARG A 14 5.63 7.39 0.42
N ARG A 15 4.32 7.71 0.33
CA ARG A 15 3.36 7.04 -0.57
C ARG A 15 3.73 6.91 -2.06
N ASP A 16 4.76 7.60 -2.53
CA ASP A 16 5.32 7.34 -3.87
C ASP A 16 5.89 5.91 -4.02
N LEU A 17 6.28 5.27 -2.91
CA LEU A 17 6.73 3.86 -2.86
C LEU A 17 5.58 2.83 -2.88
N TRP A 18 4.34 3.23 -2.53
CA TRP A 18 3.17 2.36 -2.54
C TRP A 18 2.81 1.92 -3.97
N CYS A 19 2.11 0.79 -4.11
CA CYS A 19 1.54 0.41 -5.39
C CYS A 19 0.44 1.43 -5.83
N THR A 20 0.10 1.43 -7.11
CA THR A 20 -0.87 2.40 -7.65
C THR A 20 -2.29 2.21 -7.10
N ALA A 21 -2.69 0.98 -6.80
CA ALA A 21 -3.93 0.73 -6.07
C ALA A 21 -3.95 1.39 -4.68
N CYS A 22 -2.91 1.20 -3.85
CA CYS A 22 -2.78 1.86 -2.56
C CYS A 22 -2.72 3.41 -2.64
N ARG A 23 -1.93 3.98 -3.57
CA ARG A 23 -1.92 5.43 -3.87
C ARG A 23 -3.33 5.99 -3.93
N TRP A 24 -4.22 5.25 -4.60
CA TRP A 24 -5.62 5.59 -4.87
C TRP A 24 -6.63 4.95 -3.88
N LYS A 25 -6.17 4.36 -2.77
CA LYS A 25 -6.99 3.66 -1.75
C LYS A 25 -7.86 2.51 -2.30
N LYS A 26 -7.32 1.66 -3.17
CA LYS A 26 -7.95 0.43 -3.70
C LYS A 26 -7.08 -0.81 -3.41
N ALA A 27 -7.60 -2.01 -3.64
CA ALA A 27 -6.96 -3.25 -3.20
C ALA A 27 -5.52 -3.45 -3.71
N CYS A 28 -4.58 -3.67 -2.78
CA CYS A 28 -3.13 -3.74 -2.99
C CYS A 28 -2.67 -4.72 -4.10
N GLN A 29 -1.65 -4.31 -4.88
CA GLN A 29 -1.00 -5.13 -5.91
C GLN A 29 0.20 -5.93 -5.37
N ARG A 30 1.08 -5.29 -4.57
CA ARG A 30 2.38 -5.86 -4.14
C ARG A 30 2.34 -6.64 -2.81
N PHE A 31 1.26 -6.52 -2.03
CA PHE A 31 1.02 -7.20 -0.75
C PHE A 31 -0.44 -7.76 -0.66
N LEU A 32 -0.82 -8.62 -1.62
CA LEU A 32 -2.14 -9.27 -1.63
C LEU A 32 -2.39 -10.11 -0.34
N ASP A 33 -3.42 -9.77 0.43
CA ASP A 33 -3.85 -10.44 1.68
C ASP A 33 -5.33 -10.14 2.04
N GLY A 1 -6.76 -7.07 8.85
CA GLY A 1 -5.95 -7.80 9.85
C GLY A 1 -5.06 -8.91 9.27
N ASP A 2 -5.23 -9.30 7.99
CA ASP A 2 -4.48 -10.41 7.39
C ASP A 2 -3.08 -10.02 6.85
N ALA A 3 -2.77 -8.73 6.75
CA ALA A 3 -1.58 -8.22 6.05
C ALA A 3 -0.96 -6.94 6.66
N LYS A 4 0.19 -6.53 6.10
CA LYS A 4 0.90 -5.26 6.37
C LYS A 4 1.38 -4.70 5.03
N LYS A 5 0.45 -4.10 4.27
CA LYS A 5 0.62 -3.67 2.87
C LYS A 5 1.40 -2.36 2.74
N CYS A 6 1.68 -1.93 1.50
CA CYS A 6 2.52 -0.78 1.15
C CYS A 6 2.39 0.42 2.11
N ARG A 7 1.16 0.91 2.30
CA ARG A 7 0.82 2.04 3.17
C ARG A 7 1.25 1.83 4.62
N LYS A 8 0.91 0.69 5.25
CA LYS A 8 1.39 0.28 6.58
C LYS A 8 2.88 -0.10 6.65
N VAL A 9 3.59 -0.15 5.50
CA VAL A 9 5.06 -0.27 5.42
C VAL A 9 5.76 1.08 5.34
N TYR A 10 5.46 1.92 4.34
CA TYR A 10 6.20 3.15 4.04
C TYR A 10 5.62 4.41 4.72
N GLY A 11 4.30 4.49 4.90
CA GLY A 11 3.60 5.66 5.45
C GLY A 11 3.41 6.82 4.48
N MET A 12 2.57 7.79 4.88
CA MET A 12 2.18 8.93 4.04
C MET A 12 3.34 9.91 3.77
N GLU A 13 4.36 9.92 4.64
CA GLU A 13 5.64 10.64 4.40
C GLU A 13 6.49 10.01 3.28
N ARG A 14 6.18 8.76 2.87
CA ARG A 14 6.83 8.03 1.76
C ARG A 14 5.84 7.39 0.77
N ARG A 15 4.60 7.89 0.73
CA ARG A 15 3.51 7.60 -0.25
C ARG A 15 3.94 7.34 -1.70
N ASP A 16 5.00 7.97 -2.19
CA ASP A 16 5.56 7.74 -3.53
C ASP A 16 6.02 6.27 -3.77
N LEU A 17 6.42 5.57 -2.70
CA LEU A 17 6.89 4.17 -2.73
C LEU A 17 5.75 3.13 -2.76
N TRP A 18 4.50 3.55 -2.47
CA TRP A 18 3.34 2.67 -2.50
C TRP A 18 3.01 2.20 -3.93
N CYS A 19 2.33 1.05 -4.07
CA CYS A 19 1.77 0.64 -5.36
C CYS A 19 0.61 1.58 -5.77
N THR A 20 0.24 1.58 -7.06
CA THR A 20 -0.75 2.53 -7.58
C THR A 20 -2.18 2.23 -7.08
N ALA A 21 -2.50 0.97 -6.79
CA ALA A 21 -3.75 0.65 -6.10
C ALA A 21 -3.80 1.28 -4.68
N CYS A 22 -2.75 1.12 -3.87
CA CYS A 22 -2.60 1.79 -2.58
C CYS A 22 -2.70 3.33 -2.70
N ARG A 23 -1.94 3.95 -3.63
CA ARG A 23 -2.00 5.41 -3.92
C ARG A 23 -3.45 5.90 -4.02
N TRP A 24 -4.33 5.13 -4.65
CA TRP A 24 -5.72 5.50 -4.94
C TRP A 24 -6.75 4.82 -4.01
N LYS A 25 -6.31 4.23 -2.89
CA LYS A 25 -7.15 3.53 -1.90
C LYS A 25 -7.99 2.36 -2.48
N LYS A 26 -7.45 1.60 -3.44
CA LYS A 26 -8.06 0.40 -4.03
C LYS A 26 -7.24 -0.86 -3.71
N ALA A 27 -7.80 -2.06 -3.92
CA ALA A 27 -7.17 -3.32 -3.51
C ALA A 27 -5.75 -3.51 -4.07
N CYS A 28 -4.76 -3.64 -3.17
CA CYS A 28 -3.33 -3.71 -3.42
C CYS A 28 -2.92 -4.73 -4.52
N GLN A 29 -2.41 -4.24 -5.65
CA GLN A 29 -1.90 -5.08 -6.74
C GLN A 29 -0.58 -5.80 -6.39
N ARG A 30 0.19 -5.27 -5.43
CA ARG A 30 1.48 -5.84 -4.97
C ARG A 30 1.28 -7.01 -4.00
N PHE A 31 0.25 -6.92 -3.16
CA PHE A 31 -0.11 -7.89 -2.12
C PHE A 31 -1.60 -8.28 -2.24
N LEU A 32 -1.92 -9.02 -3.31
CA LEU A 32 -3.24 -9.64 -3.55
C LEU A 32 -3.53 -10.76 -2.52
N ASP A 33 -4.82 -11.06 -2.31
CA ASP A 33 -5.33 -12.10 -1.39
C ASP A 33 -6.31 -13.09 -2.06
N GLY A 1 -8.19 -4.73 6.98
CA GLY A 1 -7.20 -3.87 7.66
C GLY A 1 -6.12 -4.62 8.46
N ASP A 2 -6.34 -5.91 8.74
CA ASP A 2 -5.47 -6.77 9.57
C ASP A 2 -4.06 -7.07 8.97
N ALA A 3 -3.87 -6.79 7.68
CA ALA A 3 -2.63 -7.02 6.94
C ALA A 3 -1.48 -6.05 7.33
N LYS A 4 -0.40 -6.06 6.53
CA LYS A 4 0.71 -5.08 6.63
C LYS A 4 1.22 -4.73 5.22
N LYS A 5 0.34 -4.11 4.42
CA LYS A 5 0.56 -3.68 3.03
C LYS A 5 1.26 -2.30 2.98
N CYS A 6 1.33 -1.70 1.78
CA CYS A 6 2.06 -0.47 1.48
C CYS A 6 1.91 0.65 2.55
N ARG A 7 0.68 1.05 2.90
CA ARG A 7 0.43 2.09 3.92
C ARG A 7 0.99 1.73 5.30
N LYS A 8 0.71 0.53 5.81
CA LYS A 8 1.28 0.03 7.08
C LYS A 8 2.76 -0.36 6.99
N VAL A 9 3.41 -0.20 5.82
CA VAL A 9 4.87 -0.31 5.63
C VAL A 9 5.56 1.06 5.59
N TYR A 10 5.18 1.93 4.65
CA TYR A 10 5.87 3.21 4.34
C TYR A 10 5.23 4.46 4.96
N GLY A 11 3.90 4.53 5.02
CA GLY A 11 3.12 5.68 5.50
C GLY A 11 3.02 6.87 4.53
N MET A 12 2.15 7.83 4.86
CA MET A 12 1.83 8.98 4.01
C MET A 12 3.02 9.94 3.80
N GLU A 13 3.98 9.96 4.72
CA GLU A 13 5.26 10.66 4.57
C GLU A 13 6.18 10.03 3.49
N ARG A 14 5.91 8.79 3.08
CA ARG A 14 6.63 8.05 2.02
C ARG A 14 5.68 7.40 0.98
N ARG A 15 4.45 7.91 0.88
CA ARG A 15 3.42 7.63 -0.14
C ARG A 15 3.92 7.34 -1.58
N ASP A 16 5.01 7.94 -2.04
CA ASP A 16 5.63 7.65 -3.35
C ASP A 16 6.14 6.21 -3.51
N LEU A 17 6.40 5.50 -2.41
CA LEU A 17 6.84 4.09 -2.37
C LEU A 17 5.67 3.08 -2.44
N TRP A 18 4.42 3.51 -2.22
CA TRP A 18 3.25 2.64 -2.30
C TRP A 18 3.00 2.16 -3.74
N CYS A 19 2.31 1.02 -3.90
CA CYS A 19 1.83 0.60 -5.20
C CYS A 19 0.70 1.55 -5.71
N THR A 20 0.41 1.51 -7.02
CA THR A 20 -0.56 2.43 -7.64
C THR A 20 -2.01 2.16 -7.20
N ALA A 21 -2.37 0.90 -6.92
CA ALA A 21 -3.65 0.60 -6.29
C ALA A 21 -3.80 1.32 -4.93
N CYS A 22 -2.79 1.18 -4.04
CA CYS A 22 -2.74 1.86 -2.76
C CYS A 22 -2.76 3.40 -2.90
N ARG A 23 -1.97 3.99 -3.83
CA ARG A 23 -2.01 5.44 -4.14
C ARG A 23 -3.44 5.94 -4.33
N TRP A 24 -4.28 5.13 -4.99
CA TRP A 24 -5.66 5.45 -5.35
C TRP A 24 -6.73 4.82 -4.43
N LYS A 25 -6.32 4.22 -3.30
CA LYS A 25 -7.16 3.49 -2.33
C LYS A 25 -7.99 2.34 -2.95
N LYS A 26 -7.47 1.67 -3.97
CA LYS A 26 -7.99 0.42 -4.57
C LYS A 26 -7.19 -0.79 -4.07
N ALA A 27 -7.71 -2.01 -4.27
CA ALA A 27 -7.12 -3.23 -3.70
C ALA A 27 -5.66 -3.48 -4.14
N CYS A 28 -4.73 -3.61 -3.19
CA CYS A 28 -3.29 -3.74 -3.38
C CYS A 28 -2.90 -4.76 -4.48
N GLN A 29 -2.19 -4.30 -5.51
CA GLN A 29 -1.71 -5.14 -6.61
C GLN A 29 -0.37 -5.86 -6.31
N ARG A 30 0.45 -5.32 -5.38
CA ARG A 30 1.81 -5.80 -5.11
C ARG A 30 1.83 -7.14 -4.35
N PHE A 31 1.08 -7.25 -3.26
CA PHE A 31 1.09 -8.39 -2.32
C PHE A 31 0.05 -9.50 -2.64
N LEU A 32 -0.38 -9.58 -3.91
CA LEU A 32 -1.23 -10.66 -4.43
C LEU A 32 -0.48 -12.01 -4.50
N ASP A 33 -1.24 -13.12 -4.50
CA ASP A 33 -0.76 -14.50 -4.63
C ASP A 33 -0.26 -14.84 -6.05
N GLY A 1 -4.51 -7.19 12.15
CA GLY A 1 -3.72 -8.37 11.77
C GLY A 1 -2.21 -8.18 11.79
N ASP A 2 -1.48 -9.30 11.70
CA ASP A 2 -0.01 -9.33 11.57
C ASP A 2 0.47 -8.81 10.19
N ALA A 3 -0.43 -8.71 9.20
CA ALA A 3 -0.16 -8.14 7.88
C ALA A 3 0.29 -6.66 7.95
N LYS A 4 1.11 -6.27 6.96
CA LYS A 4 1.53 -4.89 6.66
C LYS A 4 1.60 -4.68 5.14
N LYS A 5 0.62 -3.99 4.56
CA LYS A 5 0.67 -3.54 3.15
C LYS A 5 1.42 -2.20 3.02
N CYS A 6 1.60 -1.73 1.78
CA CYS A 6 2.33 -0.51 1.40
C CYS A 6 2.27 0.63 2.46
N ARG A 7 1.04 1.04 2.82
CA ARG A 7 0.74 2.13 3.73
C ARG A 7 1.26 1.92 5.15
N LYS A 8 0.99 0.77 5.78
CA LYS A 8 1.52 0.39 7.10
C LYS A 8 3.04 0.17 7.14
N VAL A 9 3.68 -0.05 5.99
CA VAL A 9 5.14 -0.14 5.81
C VAL A 9 5.80 1.25 5.62
N TYR A 10 5.50 1.94 4.51
CA TYR A 10 6.21 3.15 4.07
C TYR A 10 5.59 4.49 4.52
N GLY A 11 4.28 4.55 4.72
CA GLY A 11 3.56 5.75 5.19
C GLY A 11 3.16 6.78 4.11
N MET A 12 2.17 7.62 4.43
CA MET A 12 1.64 8.65 3.51
C MET A 12 2.69 9.72 3.17
N GLU A 13 3.65 9.94 4.06
CA GLU A 13 4.85 10.76 3.82
C GLU A 13 5.76 10.21 2.71
N ARG A 14 5.62 8.92 2.35
CA ARG A 14 6.39 8.22 1.30
C ARG A 14 5.50 7.38 0.36
N ARG A 15 4.19 7.68 0.24
CA ARG A 15 3.26 6.99 -0.71
C ARG A 15 3.68 6.90 -2.18
N ASP A 16 4.74 7.58 -2.62
CA ASP A 16 5.34 7.39 -3.94
C ASP A 16 6.02 6.00 -4.05
N LEU A 17 6.32 5.34 -2.92
CA LEU A 17 6.80 3.95 -2.85
C LEU A 17 5.66 2.90 -2.89
N TRP A 18 4.42 3.29 -2.55
CA TRP A 18 3.26 2.40 -2.58
C TRP A 18 2.90 1.99 -4.02
N CYS A 19 2.15 0.90 -4.14
CA CYS A 19 1.53 0.52 -5.40
C CYS A 19 0.40 1.51 -5.78
N THR A 20 -0.01 1.50 -7.05
CA THR A 20 -1.00 2.48 -7.55
C THR A 20 -2.41 2.25 -6.99
N ALA A 21 -2.77 1.01 -6.66
CA ALA A 21 -3.99 0.74 -5.92
C ALA A 21 -3.99 1.41 -4.54
N CYS A 22 -2.94 1.22 -3.73
CA CYS A 22 -2.76 1.91 -2.45
C CYS A 22 -2.74 3.45 -2.57
N ARG A 23 -1.98 4.04 -3.52
CA ARG A 23 -1.98 5.49 -3.81
C ARG A 23 -3.41 6.05 -3.83
N TRP A 24 -4.32 5.29 -4.47
CA TRP A 24 -5.72 5.63 -4.71
C TRP A 24 -6.71 4.93 -3.75
N LYS A 25 -6.24 4.35 -2.64
CA LYS A 25 -7.05 3.65 -1.62
C LYS A 25 -7.92 2.48 -2.14
N LYS A 26 -7.46 1.77 -3.17
CA LYS A 26 -8.07 0.55 -3.72
C LYS A 26 -7.24 -0.70 -3.37
N ALA A 27 -7.75 -1.91 -3.66
CA ALA A 27 -7.10 -3.16 -3.24
C ALA A 27 -5.66 -3.36 -3.77
N CYS A 28 -4.70 -3.50 -2.85
CA CYS A 28 -3.27 -3.64 -3.09
C CYS A 28 -2.89 -4.72 -4.14
N GLN A 29 -2.07 -4.34 -5.14
CA GLN A 29 -1.50 -5.27 -6.13
C GLN A 29 -0.09 -5.78 -5.72
N ARG A 30 0.62 -5.08 -4.81
CA ARG A 30 1.97 -5.43 -4.31
C ARG A 30 1.94 -6.47 -3.15
N PHE A 31 0.85 -6.48 -2.36
CA PHE A 31 0.61 -7.36 -1.22
C PHE A 31 -0.79 -8.02 -1.32
N LEU A 32 -0.95 -8.91 -2.30
CA LEU A 32 -2.12 -9.78 -2.47
C LEU A 32 -2.06 -10.94 -1.44
N ASP A 33 -2.93 -10.89 -0.43
CA ASP A 33 -3.15 -11.95 0.57
C ASP A 33 -4.00 -13.12 0.03
N GLY A 1 -1.50 -6.53 12.06
CA GLY A 1 -0.07 -6.60 11.70
C GLY A 1 0.30 -7.79 10.81
N ASP A 2 -0.49 -8.88 10.87
CA ASP A 2 -0.36 -10.05 10.00
C ASP A 2 -0.76 -9.81 8.53
N ALA A 3 -1.34 -8.63 8.21
CA ALA A 3 -1.87 -8.27 6.89
C ALA A 3 -1.34 -6.91 6.36
N LYS A 4 -0.17 -6.45 6.83
CA LYS A 4 0.44 -5.18 6.37
C LYS A 4 0.55 -5.11 4.84
N LYS A 5 0.14 -3.97 4.29
CA LYS A 5 0.28 -3.57 2.88
C LYS A 5 1.06 -2.24 2.78
N CYS A 6 1.31 -1.78 1.54
CA CYS A 6 2.15 -0.64 1.20
C CYS A 6 2.04 0.55 2.19
N ARG A 7 0.83 1.05 2.40
CA ARG A 7 0.55 2.24 3.24
C ARG A 7 1.04 2.10 4.68
N LYS A 8 0.74 1.01 5.38
CA LYS A 8 1.25 0.70 6.73
C LYS A 8 2.74 0.32 6.76
N VAL A 9 3.35 0.02 5.62
CA VAL A 9 4.80 -0.20 5.47
C VAL A 9 5.56 1.14 5.36
N TYR A 10 5.28 1.97 4.35
CA TYR A 10 6.08 3.18 4.05
C TYR A 10 5.54 4.48 4.67
N GLY A 11 4.21 4.68 4.67
CA GLY A 11 3.55 5.90 5.16
C GLY A 11 3.18 6.95 4.09
N MET A 12 2.33 7.90 4.48
CA MET A 12 1.75 8.91 3.58
C MET A 12 2.77 9.96 3.13
N GLU A 13 3.85 10.16 3.89
CA GLU A 13 5.02 10.96 3.47
C GLU A 13 5.93 10.17 2.48
N ARG A 14 5.59 8.90 2.19
CA ARG A 14 6.33 7.98 1.32
C ARG A 14 5.46 7.26 0.26
N ARG A 15 4.18 7.66 0.07
CA ARG A 15 3.27 7.24 -1.05
C ARG A 15 3.95 6.82 -2.38
N ASP A 16 5.01 7.49 -2.80
CA ASP A 16 5.78 7.12 -4.01
C ASP A 16 6.32 5.67 -4.02
N LEU A 17 6.57 5.07 -2.85
CA LEU A 17 7.04 3.68 -2.69
C LEU A 17 5.91 2.64 -2.71
N TRP A 18 4.67 3.09 -2.51
CA TRP A 18 3.47 2.24 -2.53
C TRP A 18 3.12 1.79 -3.98
N CYS A 19 2.30 0.75 -4.13
CA CYS A 19 1.72 0.39 -5.43
C CYS A 19 0.58 1.35 -5.84
N THR A 20 0.20 1.34 -7.13
CA THR A 20 -0.73 2.31 -7.72
C THR A 20 -2.14 2.24 -7.12
N ALA A 21 -2.70 1.05 -6.94
CA ALA A 21 -3.98 0.89 -6.28
C ALA A 21 -3.97 1.43 -4.83
N CYS A 22 -2.93 1.13 -4.03
CA CYS A 22 -2.76 1.68 -2.69
C CYS A 22 -2.77 3.23 -2.69
N ARG A 23 -1.99 3.88 -3.57
CA ARG A 23 -1.99 5.37 -3.71
C ARG A 23 -3.41 5.92 -3.85
N TRP A 24 -4.25 5.20 -4.59
CA TRP A 24 -5.63 5.56 -4.94
C TRP A 24 -6.69 4.96 -3.99
N LYS A 25 -6.28 4.36 -2.86
CA LYS A 25 -7.15 3.67 -1.87
C LYS A 25 -7.99 2.52 -2.45
N LYS A 26 -7.48 1.76 -3.43
CA LYS A 26 -8.09 0.56 -4.01
C LYS A 26 -7.24 -0.70 -3.70
N ALA A 27 -7.77 -1.90 -3.95
CA ALA A 27 -7.14 -3.16 -3.54
C ALA A 27 -5.71 -3.36 -4.10
N CYS A 28 -4.74 -3.61 -3.21
CA CYS A 28 -3.33 -3.84 -3.48
C CYS A 28 -3.03 -4.77 -4.69
N GLN A 29 -2.20 -4.29 -5.63
CA GLN A 29 -1.78 -5.01 -6.84
C GLN A 29 -0.45 -5.77 -6.69
N ARG A 30 0.56 -5.14 -6.06
CA ARG A 30 1.95 -5.63 -6.03
C ARG A 30 2.16 -6.91 -5.19
N PHE A 31 1.40 -7.07 -4.11
CA PHE A 31 1.54 -8.19 -3.16
C PHE A 31 0.52 -9.33 -3.38
N LEU A 32 -0.15 -9.39 -4.54
CA LEU A 32 -0.98 -10.51 -4.98
C LEU A 32 -0.15 -11.77 -5.31
N ASP A 33 -0.76 -12.95 -5.16
CA ASP A 33 -0.20 -14.27 -5.51
C ASP A 33 -0.05 -14.50 -7.04
N GLY A 1 -7.06 -6.46 4.35
CA GLY A 1 -5.68 -6.70 4.78
C GLY A 1 -5.44 -6.55 6.29
N ASP A 2 -5.33 -7.67 7.00
CA ASP A 2 -4.88 -7.72 8.40
C ASP A 2 -3.33 -7.67 8.51
N ALA A 3 -2.64 -7.77 7.38
CA ALA A 3 -1.17 -7.71 7.21
C ALA A 3 -0.58 -6.29 7.32
N LYS A 4 0.74 -6.17 7.12
CA LYS A 4 1.48 -4.90 6.95
C LYS A 4 1.66 -4.66 5.45
N LYS A 5 0.66 -4.08 4.77
CA LYS A 5 0.77 -3.65 3.37
C LYS A 5 1.41 -2.26 3.26
N CYS A 6 1.65 -1.78 2.04
CA CYS A 6 2.31 -0.54 1.67
C CYS A 6 2.15 0.65 2.65
N ARG A 7 0.93 1.13 2.86
CA ARG A 7 0.66 2.30 3.71
C ARG A 7 1.02 2.08 5.18
N LYS A 8 0.74 0.89 5.75
CA LYS A 8 1.19 0.52 7.10
C LYS A 8 2.70 0.25 7.19
N VAL A 9 3.41 0.10 6.07
CA VAL A 9 4.88 -0.09 5.99
C VAL A 9 5.63 1.23 5.77
N TYR A 10 5.42 1.87 4.62
CA TYR A 10 6.16 3.06 4.19
C TYR A 10 5.59 4.38 4.77
N GLY A 11 4.27 4.47 5.00
CA GLY A 11 3.59 5.66 5.50
C GLY A 11 3.39 6.78 4.45
N MET A 12 2.52 7.74 4.79
CA MET A 12 2.11 8.81 3.87
C MET A 12 3.25 9.77 3.51
N GLU A 13 4.30 9.85 4.35
CA GLU A 13 5.55 10.56 4.06
C GLU A 13 6.34 9.91 2.90
N ARG A 14 6.30 8.56 2.80
CA ARG A 14 6.91 7.77 1.71
C ARG A 14 5.91 7.11 0.76
N ARG A 15 4.70 7.65 0.67
CA ARG A 15 3.63 7.34 -0.33
C ARG A 15 4.11 7.10 -1.77
N ASP A 16 5.24 7.69 -2.18
CA ASP A 16 5.90 7.39 -3.47
C ASP A 16 6.19 5.88 -3.70
N LEU A 17 6.44 5.13 -2.61
CA LEU A 17 6.77 3.70 -2.63
C LEU A 17 5.55 2.77 -2.72
N TRP A 18 4.33 3.30 -2.54
CA TRP A 18 3.09 2.52 -2.63
C TRP A 18 2.76 2.10 -4.08
N CYS A 19 1.89 1.09 -4.24
CA CYS A 19 1.31 0.71 -5.51
C CYS A 19 0.46 1.84 -6.14
N THR A 20 0.09 1.69 -7.42
CA THR A 20 -0.90 2.59 -8.03
C THR A 20 -2.29 2.36 -7.42
N ALA A 21 -2.66 1.10 -7.14
CA ALA A 21 -3.86 0.79 -6.36
C ALA A 21 -3.84 1.43 -4.96
N CYS A 22 -2.73 1.26 -4.22
CA CYS A 22 -2.51 1.84 -2.90
C CYS A 22 -2.56 3.38 -2.89
N ARG A 23 -1.85 4.05 -3.83
CA ARG A 23 -1.94 5.50 -4.07
C ARG A 23 -3.40 5.96 -4.17
N TRP A 24 -4.27 5.18 -4.80
CA TRP A 24 -5.68 5.48 -5.06
C TRP A 24 -6.65 4.84 -4.03
N LYS A 25 -6.15 4.29 -2.91
CA LYS A 25 -6.91 3.60 -1.86
C LYS A 25 -7.76 2.40 -2.34
N LYS A 26 -7.23 1.58 -3.25
CA LYS A 26 -7.84 0.31 -3.73
C LYS A 26 -6.95 -0.90 -3.38
N ALA A 27 -7.47 -2.13 -3.45
CA ALA A 27 -6.78 -3.33 -2.95
C ALA A 27 -5.35 -3.50 -3.54
N CYS A 28 -4.37 -3.74 -2.67
CA CYS A 28 -2.96 -3.82 -2.97
C CYS A 28 -2.61 -4.93 -4.00
N GLN A 29 -1.98 -4.53 -5.11
CA GLN A 29 -1.50 -5.44 -6.16
C GLN A 29 -0.15 -6.10 -5.85
N ARG A 30 0.63 -5.58 -4.88
CA ARG A 30 1.92 -6.14 -4.41
C ARG A 30 1.73 -7.25 -3.37
N PHE A 31 0.67 -7.13 -2.55
CA PHE A 31 0.30 -8.05 -1.47
C PHE A 31 -1.14 -8.57 -1.66
N LEU A 32 -1.35 -9.32 -2.74
CA LEU A 32 -2.58 -10.08 -3.04
C LEU A 32 -2.72 -11.35 -2.16
N ASP A 33 -3.92 -11.94 -2.12
CA ASP A 33 -4.30 -13.10 -1.30
C ASP A 33 -5.31 -14.03 -2.02
N GLY A 1 -6.00 -6.96 9.23
CA GLY A 1 -5.51 -7.93 10.21
C GLY A 1 -4.73 -9.10 9.62
N ASP A 2 -5.10 -9.55 8.41
CA ASP A 2 -4.46 -10.68 7.72
C ASP A 2 -3.08 -10.34 7.10
N ALA A 3 -2.85 -9.10 6.68
CA ALA A 3 -1.64 -8.68 5.95
C ALA A 3 -1.37 -7.17 6.02
N LYS A 4 -0.13 -6.78 6.34
CA LYS A 4 0.35 -5.40 6.23
C LYS A 4 0.61 -5.09 4.74
N LYS A 5 0.28 -3.87 4.31
CA LYS A 5 0.38 -3.40 2.92
C LYS A 5 1.11 -2.05 2.84
N CYS A 6 1.38 -1.58 1.62
CA CYS A 6 2.23 -0.43 1.33
C CYS A 6 2.10 0.75 2.34
N ARG A 7 0.87 1.25 2.50
CA ARG A 7 0.53 2.40 3.35
C ARG A 7 0.96 2.22 4.82
N LYS A 8 0.69 1.08 5.46
CA LYS A 8 1.19 0.75 6.80
C LYS A 8 2.68 0.37 6.86
N VAL A 9 3.34 0.14 5.72
CA VAL A 9 4.79 -0.12 5.61
C VAL A 9 5.62 1.18 5.46
N TYR A 10 5.33 2.00 4.45
CA TYR A 10 6.11 3.19 4.07
C TYR A 10 5.54 4.51 4.62
N GLY A 11 4.20 4.67 4.70
CA GLY A 11 3.53 5.88 5.18
C GLY A 11 3.23 6.95 4.12
N MET A 12 2.35 7.90 4.47
CA MET A 12 1.89 8.97 3.57
C MET A 12 3.00 9.98 3.22
N GLU A 13 4.03 10.08 4.07
CA GLU A 13 5.27 10.82 3.78
C GLU A 13 6.10 10.15 2.68
N ARG A 14 5.91 8.84 2.46
CA ARG A 14 6.55 8.01 1.43
C ARG A 14 5.58 7.30 0.48
N ARG A 15 4.35 7.82 0.31
CA ARG A 15 3.36 7.43 -0.74
C ARG A 15 3.98 7.10 -2.11
N ASP A 16 5.03 7.81 -2.52
CA ASP A 16 5.78 7.57 -3.77
C ASP A 16 6.38 6.14 -3.89
N LEU A 17 6.64 5.45 -2.77
CA LEU A 17 7.10 4.05 -2.72
C LEU A 17 5.96 3.01 -2.79
N TRP A 18 4.71 3.40 -2.51
CA TRP A 18 3.55 2.49 -2.50
C TRP A 18 3.20 2.00 -3.92
N CYS A 19 2.43 0.92 -4.00
CA CYS A 19 1.84 0.49 -5.25
C CYS A 19 0.70 1.46 -5.67
N THR A 20 0.35 1.47 -6.95
CA THR A 20 -0.65 2.42 -7.47
C THR A 20 -2.08 2.13 -7.00
N ALA A 21 -2.40 0.87 -6.73
CA ALA A 21 -3.65 0.54 -6.07
C ALA A 21 -3.75 1.22 -4.70
N CYS A 22 -2.73 1.08 -3.83
CA CYS A 22 -2.65 1.76 -2.55
C CYS A 22 -2.75 3.30 -2.68
N ARG A 23 -1.98 3.91 -3.61
CA ARG A 23 -2.04 5.37 -3.90
C ARG A 23 -3.48 5.86 -4.04
N TRP A 24 -4.34 5.04 -4.66
CA TRP A 24 -5.71 5.35 -5.02
C TRP A 24 -6.79 4.62 -4.20
N LYS A 25 -6.47 4.07 -3.02
CA LYS A 25 -7.38 3.28 -2.15
C LYS A 25 -8.04 2.04 -2.81
N LYS A 26 -7.49 1.49 -3.90
CA LYS A 26 -7.91 0.20 -4.51
C LYS A 26 -7.11 -0.97 -3.90
N ALA A 27 -7.56 -2.21 -4.08
CA ALA A 27 -6.94 -3.39 -3.47
C ALA A 27 -5.47 -3.60 -3.91
N CYS A 28 -4.55 -3.70 -2.95
CA CYS A 28 -3.10 -3.81 -3.14
C CYS A 28 -2.68 -4.86 -4.21
N GLN A 29 -1.91 -4.43 -5.21
CA GLN A 29 -1.32 -5.29 -6.25
C GLN A 29 0.06 -5.88 -5.90
N ARG A 30 0.71 -5.39 -4.83
CA ARG A 30 2.06 -5.80 -4.38
C ARG A 30 2.01 -6.86 -3.27
N PHE A 31 1.41 -6.50 -2.13
CA PHE A 31 1.17 -7.35 -0.97
C PHE A 31 -0.22 -8.00 -1.09
N LEU A 32 -0.32 -9.03 -1.95
CA LEU A 32 -1.58 -9.63 -2.34
C LEU A 32 -2.37 -10.22 -1.16
N ASP A 33 -3.71 -10.24 -1.30
CA ASP A 33 -4.69 -10.60 -0.26
C ASP A 33 -5.91 -11.35 -0.84
N GLY A 1 -7.42 -11.06 9.40
CA GLY A 1 -6.00 -11.05 9.80
C GLY A 1 -5.07 -10.87 8.60
N ASP A 2 -5.42 -9.93 7.71
CA ASP A 2 -4.77 -9.72 6.40
C ASP A 2 -3.34 -9.12 6.49
N ALA A 3 -2.66 -9.03 5.35
CA ALA A 3 -1.27 -8.59 5.24
C ALA A 3 -1.06 -7.10 5.57
N LYS A 4 0.17 -6.75 5.97
CA LYS A 4 0.61 -5.36 6.11
C LYS A 4 1.00 -4.84 4.70
N LYS A 5 0.30 -3.82 4.20
CA LYS A 5 0.38 -3.34 2.81
C LYS A 5 1.05 -1.96 2.73
N CYS A 6 1.36 -1.50 1.52
CA CYS A 6 2.18 -0.32 1.21
C CYS A 6 2.03 0.85 2.22
N ARG A 7 0.79 1.26 2.49
CA ARG A 7 0.47 2.41 3.34
C ARG A 7 0.87 2.23 4.81
N LYS A 8 0.59 1.09 5.45
CA LYS A 8 1.11 0.76 6.80
C LYS A 8 2.59 0.31 6.80
N VAL A 9 3.15 -0.09 5.66
CA VAL A 9 4.58 -0.45 5.49
C VAL A 9 5.48 0.79 5.39
N TYR A 10 5.28 1.62 4.36
CA TYR A 10 6.14 2.76 4.04
C TYR A 10 5.67 4.08 4.71
N GLY A 11 4.36 4.28 4.88
CA GLY A 11 3.77 5.51 5.45
C GLY A 11 3.49 6.63 4.44
N MET A 12 2.63 7.58 4.84
CA MET A 12 2.25 8.74 4.02
C MET A 12 3.44 9.68 3.73
N GLU A 13 4.46 9.67 4.61
CA GLU A 13 5.75 10.33 4.39
C GLU A 13 6.59 9.68 3.28
N ARG A 14 6.24 8.44 2.86
CA ARG A 14 6.85 7.70 1.74
C ARG A 14 5.83 7.14 0.74
N ARG A 15 4.63 7.73 0.70
CA ARG A 15 3.54 7.51 -0.32
C ARG A 15 4.01 7.32 -1.77
N ASP A 16 5.10 7.95 -2.20
CA ASP A 16 5.68 7.77 -3.53
C ASP A 16 6.21 6.34 -3.78
N LEU A 17 6.47 5.55 -2.75
CA LEU A 17 6.83 4.12 -2.83
C LEU A 17 5.62 3.17 -2.96
N TRP A 18 4.40 3.61 -2.59
CA TRP A 18 3.22 2.75 -2.62
C TRP A 18 2.90 2.29 -4.05
N CYS A 19 2.29 1.11 -4.19
CA CYS A 19 1.73 0.65 -5.46
C CYS A 19 0.58 1.59 -5.92
N THR A 20 0.27 1.55 -7.22
CA THR A 20 -0.73 2.44 -7.83
C THR A 20 -2.13 2.22 -7.25
N ALA A 21 -2.47 0.99 -6.88
CA ALA A 21 -3.72 0.69 -6.17
C ALA A 21 -3.76 1.38 -4.79
N CYS A 22 -2.76 1.19 -3.94
CA CYS A 22 -2.66 1.87 -2.65
C CYS A 22 -2.71 3.41 -2.76
N ARG A 23 -1.94 4.00 -3.69
CA ARG A 23 -2.00 5.45 -4.02
C ARG A 23 -3.45 5.92 -4.20
N TRP A 24 -4.28 5.12 -4.85
CA TRP A 24 -5.68 5.40 -5.21
C TRP A 24 -6.71 4.74 -4.27
N LYS A 25 -6.29 4.18 -3.13
CA LYS A 25 -7.09 3.45 -2.13
C LYS A 25 -7.90 2.26 -2.72
N LYS A 26 -7.38 1.60 -3.77
CA LYS A 26 -7.89 0.32 -4.33
C LYS A 26 -7.11 -0.89 -3.74
N ALA A 27 -7.56 -2.12 -3.99
CA ALA A 27 -6.89 -3.33 -3.48
C ALA A 27 -5.43 -3.50 -3.99
N CYS A 28 -4.48 -3.69 -3.06
CA CYS A 28 -3.04 -3.71 -3.28
C CYS A 28 -2.55 -4.61 -4.46
N GLN A 29 -1.54 -4.12 -5.19
CA GLN A 29 -0.81 -4.82 -6.26
C GLN A 29 0.57 -5.35 -5.80
N ARG A 30 1.27 -4.68 -4.86
CA ARG A 30 2.60 -5.11 -4.35
C ARG A 30 2.56 -6.40 -3.52
N PHE A 31 1.52 -6.56 -2.71
CA PHE A 31 1.32 -7.69 -1.79
C PHE A 31 0.03 -8.47 -2.11
N LEU A 32 -0.08 -9.69 -1.58
CA LEU A 32 -1.24 -10.58 -1.70
C LEU A 32 -1.55 -11.27 -0.35
N ASP A 33 -2.84 -11.42 -0.03
CA ASP A 33 -3.33 -12.09 1.19
C ASP A 33 -3.36 -13.64 1.10
N GLY A 1 -5.11 -7.79 9.89
CA GLY A 1 -4.36 -8.36 11.01
C GLY A 1 -2.86 -7.98 11.00
N ASP A 2 -1.98 -8.97 11.16
CA ASP A 2 -0.54 -8.75 11.29
C ASP A 2 0.15 -8.30 9.98
N ALA A 3 -0.54 -8.37 8.83
CA ALA A 3 0.01 -7.94 7.55
C ALA A 3 0.23 -6.42 7.46
N LYS A 4 1.34 -6.02 6.85
CA LYS A 4 1.65 -4.64 6.46
C LYS A 4 1.68 -4.53 4.93
N LYS A 5 0.73 -3.79 4.35
CA LYS A 5 0.76 -3.40 2.94
C LYS A 5 1.48 -2.06 2.77
N CYS A 6 1.70 -1.63 1.53
CA CYS A 6 2.43 -0.41 1.16
C CYS A 6 2.33 0.74 2.21
N ARG A 7 1.11 1.22 2.46
CA ARG A 7 0.81 2.30 3.40
C ARG A 7 1.29 2.03 4.83
N LYS A 8 1.00 0.86 5.41
CA LYS A 8 1.52 0.47 6.74
C LYS A 8 3.03 0.06 6.77
N VAL A 9 3.68 -0.02 5.60
CA VAL A 9 5.15 -0.19 5.45
C VAL A 9 5.87 1.17 5.35
N TYR A 10 5.62 1.92 4.27
CA TYR A 10 6.36 3.14 3.92
C TYR A 10 5.79 4.42 4.57
N GLY A 11 4.46 4.50 4.73
CA GLY A 11 3.76 5.66 5.29
C GLY A 11 3.54 6.82 4.32
N MET A 12 2.72 7.79 4.73
CA MET A 12 2.37 8.96 3.92
C MET A 12 3.56 9.90 3.68
N GLU A 13 4.59 9.84 4.53
CA GLU A 13 5.88 10.52 4.30
C GLU A 13 6.67 9.91 3.13
N ARG A 14 6.35 8.68 2.72
CA ARG A 14 6.93 7.97 1.56
C ARG A 14 5.86 7.35 0.62
N ARG A 15 4.64 7.91 0.59
CA ARG A 15 3.54 7.64 -0.37
C ARG A 15 3.97 7.37 -1.82
N ASP A 16 5.02 8.02 -2.31
CA ASP A 16 5.58 7.81 -3.65
C ASP A 16 6.17 6.40 -3.89
N LEU A 17 6.48 5.63 -2.83
CA LEU A 17 6.90 4.23 -2.90
C LEU A 17 5.72 3.23 -2.96
N TRP A 18 4.50 3.65 -2.63
CA TRP A 18 3.33 2.76 -2.60
C TRP A 18 2.94 2.25 -4.01
N CYS A 19 2.22 1.13 -4.08
CA CYS A 19 1.62 0.68 -5.34
C CYS A 19 0.46 1.63 -5.76
N THR A 20 0.06 1.57 -7.04
CA THR A 20 -0.95 2.49 -7.57
C THR A 20 -2.36 2.22 -7.00
N ALA A 21 -2.69 0.97 -6.67
CA ALA A 21 -3.91 0.66 -5.92
C ALA A 21 -3.92 1.33 -4.53
N CYS A 22 -2.86 1.20 -3.73
CA CYS A 22 -2.71 1.90 -2.45
C CYS A 22 -2.75 3.43 -2.60
N ARG A 23 -2.01 4.01 -3.56
CA ARG A 23 -2.05 5.46 -3.89
C ARG A 23 -3.49 5.96 -3.99
N TRP A 24 -4.38 5.16 -4.57
CA TRP A 24 -5.78 5.51 -4.87
C TRP A 24 -6.81 4.88 -3.92
N LYS A 25 -6.36 4.31 -2.79
CA LYS A 25 -7.18 3.62 -1.77
C LYS A 25 -8.04 2.47 -2.29
N LYS A 26 -7.52 1.66 -3.22
CA LYS A 26 -8.14 0.43 -3.74
C LYS A 26 -7.29 -0.80 -3.38
N ALA A 27 -7.83 -2.01 -3.56
CA ALA A 27 -7.17 -3.25 -3.12
C ALA A 27 -5.76 -3.45 -3.72
N CYS A 28 -4.77 -3.62 -2.85
CA CYS A 28 -3.36 -3.67 -3.18
C CYS A 28 -3.00 -4.71 -4.27
N GLN A 29 -2.26 -4.27 -5.28
CA GLN A 29 -1.68 -5.15 -6.31
C GLN A 29 -0.31 -5.79 -5.92
N ARG A 30 0.37 -5.22 -4.90
CA ARG A 30 1.69 -5.67 -4.42
C ARG A 30 1.62 -6.76 -3.33
N PHE A 31 0.56 -6.74 -2.50
CA PHE A 31 0.36 -7.65 -1.36
C PHE A 31 -1.09 -8.17 -1.28
N LEU A 32 -1.26 -9.49 -1.37
CA LEU A 32 -2.51 -10.23 -1.25
C LEU A 32 -2.32 -11.53 -0.44
N ASP A 33 -3.41 -12.03 0.18
CA ASP A 33 -3.47 -13.29 0.95
C ASP A 33 -3.41 -14.56 0.05
#